data_6OEX
#
_entry.id   6OEX
#
_cell.length_a   117.190
_cell.length_b   117.190
_cell.length_c   224.170
_cell.angle_alpha   90.00
_cell.angle_beta   90.00
_cell.angle_gamma   90.00
#
_symmetry.space_group_name_H-M   'P 43 21 2'
#
loop_
_entity.id
_entity.type
_entity.pdbx_description
1 polymer 'Trypanothione reductase'
2 non-polymer 'FLAVIN-ADENINE DINUCLEOTIDE'
3 non-polymer '4-(2-HYDROXYETHYL)-1-PIPERAZINE ETHANESULFONIC ACID'
4 non-polymer 'SULFATE ION'
5 non-polymer 3-(2-{1-[2-(piperidin-4-yl)ethyl]-1H-indol-5-yl}-5-[1-(pyrrolidin-1-yl)cyclohexyl]-1,3-thiazol-4-yl)-N-(2,2,2-trifluoroethyl)prop-2-yn-1-amine
6 water water
#
_entity_poly.entity_id   1
_entity_poly.type   'polypeptide(L)'
_entity_poly.pdbx_seq_one_letter_code
;GSHMSKAFDLVVIGAGSGGLEAGWNAATLYGKRVAVVDVQTSHGPPFYAALGGTCVNVGCVPKKLMVTGAQYMDHLRESA
GFGWEFDGSSVKANWKKLIAAKNEAVLDINKSYEGMFNDTEGLDFFLGWGSLESKNVVVVRETADPKSAVKERLQADHIL
LATGSWPQMPAIPGIEHCISSNEAFYLPEPPRRVLTVGGGFISVEFAGIFNAYKPPGGKVTLCYRNNLILRGFDETIREE
VTKQLTANGIEIMTNENPAKVSLNTDGSKHVTFESGKTLDVDVVMMAIGRIPRTNDLQLGNVGVKLTPKGGVQVDEFSRT
NVPNIYAIGDITDRLMLTPVAINEGAALVDTVFGNKPRKTDHTRVASAVFSIPPIGTCGLIEEVAAKEFEKVAVYMSSFT
PLMHNISGSKYKKFVAKIVTNHSDGTVLGVHLLGDGAPEIIQAVGVCLRLNAKISDFYNTIGVHPTSAEELCSMRTPSYY
YVKGEKMEKLPDSNL
;
_entity_poly.pdbx_strand_id   B,A
#
# COMPACT_ATOMS: atom_id res chain seq x y z
N LYS A 6 -36.59 -22.51 -23.58
CA LYS A 6 -35.28 -22.29 -22.99
C LYS A 6 -35.29 -22.64 -21.50
N ALA A 7 -34.70 -23.77 -21.15
CA ALA A 7 -34.70 -24.28 -19.79
C ALA A 7 -33.27 -24.25 -19.24
N PHE A 8 -33.08 -23.56 -18.11
CA PHE A 8 -31.76 -23.35 -17.54
C PHE A 8 -31.70 -23.88 -16.10
N ASP A 9 -30.49 -24.22 -15.67
CA ASP A 9 -30.28 -24.56 -14.27
C ASP A 9 -30.35 -23.32 -13.39
N LEU A 10 -29.87 -22.19 -13.90
CA LEU A 10 -29.82 -20.95 -13.15
C LEU A 10 -30.11 -19.79 -14.09
N VAL A 11 -31.03 -18.92 -13.70
CA VAL A 11 -31.29 -17.66 -14.39
C VAL A 11 -30.95 -16.53 -13.43
N VAL A 12 -30.05 -15.65 -13.86
CA VAL A 12 -29.59 -14.54 -13.05
C VAL A 12 -30.18 -13.26 -13.63
N ILE A 13 -30.89 -12.51 -12.81
CA ILE A 13 -31.38 -11.18 -13.18
C ILE A 13 -30.39 -10.17 -12.63
N GLY A 14 -29.58 -9.59 -13.52
CA GLY A 14 -28.56 -8.65 -13.12
C GLY A 14 -27.17 -9.19 -13.38
N ALA A 15 -26.51 -8.65 -14.40
CA ALA A 15 -25.16 -9.09 -14.78
C ALA A 15 -24.09 -8.24 -14.10
N GLY A 16 -24.19 -8.10 -12.78
CA GLY A 16 -23.28 -7.30 -12.01
C GLY A 16 -22.27 -8.11 -11.25
N SER A 17 -21.75 -7.52 -10.18
CA SER A 17 -20.66 -8.14 -9.42
C SER A 17 -21.06 -9.52 -8.91
N GLY A 18 -22.20 -9.59 -8.21
CA GLY A 18 -22.65 -10.87 -7.69
C GLY A 18 -23.21 -11.77 -8.76
N GLY A 19 -24.04 -11.23 -9.65
CA GLY A 19 -24.66 -12.04 -10.68
C GLY A 19 -23.65 -12.73 -11.56
N LEU A 20 -22.62 -12.00 -12.01
CA LEU A 20 -21.65 -12.58 -12.92
C LEU A 20 -20.79 -13.64 -12.24
N GLU A 21 -20.40 -13.40 -10.99
CA GLU A 21 -19.65 -14.42 -10.25
C GLU A 21 -20.46 -15.70 -10.16
N ALA A 22 -21.73 -15.59 -9.78
CA ALA A 22 -22.58 -16.77 -9.68
C ALA A 22 -22.70 -17.47 -11.03
N GLY A 23 -22.94 -16.70 -12.09
CA GLY A 23 -23.11 -17.31 -13.40
C GLY A 23 -21.84 -17.99 -13.88
N TRP A 24 -20.71 -17.28 -13.81
CA TRP A 24 -19.44 -17.85 -14.25
C TRP A 24 -19.12 -19.12 -13.49
N ASN A 25 -19.27 -19.10 -12.16
CA ASN A 25 -18.93 -20.27 -11.35
C ASN A 25 -19.86 -21.45 -11.67
N ALA A 26 -21.16 -21.19 -11.78
CA ALA A 26 -22.10 -22.26 -12.05
C ALA A 26 -21.82 -22.91 -13.40
N ALA A 27 -21.43 -22.11 -14.39
CA ALA A 27 -21.20 -22.63 -15.73
C ALA A 27 -19.86 -23.35 -15.85
N THR A 28 -18.80 -22.75 -15.31
CA THR A 28 -17.45 -23.27 -15.54
C THR A 28 -17.02 -24.28 -14.48
N LEU A 29 -17.45 -24.12 -13.23
CA LEU A 29 -17.04 -25.05 -12.18
C LEU A 29 -17.94 -26.27 -12.09
N TYR A 30 -19.22 -26.13 -12.39
CA TYR A 30 -20.18 -27.22 -12.23
C TYR A 30 -20.93 -27.56 -13.51
N GLY A 31 -20.54 -26.96 -14.64
CA GLY A 31 -21.10 -27.35 -15.93
C GLY A 31 -22.59 -27.14 -16.06
N LYS A 32 -23.14 -26.11 -15.42
CA LYS A 32 -24.57 -25.87 -15.46
C LYS A 32 -24.91 -24.90 -16.59
N ARG A 33 -26.15 -25.00 -17.07
CA ARG A 33 -26.64 -24.08 -18.10
C ARG A 33 -27.19 -22.84 -17.42
N VAL A 34 -26.57 -21.70 -17.71
CA VAL A 34 -26.85 -20.44 -17.02
C VAL A 34 -27.30 -19.40 -18.02
N ALA A 35 -28.32 -18.62 -17.64
CA ALA A 35 -28.74 -17.44 -18.37
C ALA A 35 -28.60 -16.22 -17.46
N VAL A 36 -28.08 -15.13 -18.02
CA VAL A 36 -27.89 -13.89 -17.29
C VAL A 36 -28.57 -12.77 -18.07
N VAL A 37 -29.31 -11.91 -17.36
CA VAL A 37 -30.11 -10.86 -17.97
C VAL A 37 -29.60 -9.51 -17.49
N ASP A 38 -29.44 -8.57 -18.42
CA ASP A 38 -29.13 -7.19 -18.07
C ASP A 38 -29.65 -6.28 -19.18
N VAL A 39 -29.73 -4.99 -18.86
CA VAL A 39 -30.45 -4.04 -19.71
C VAL A 39 -29.59 -3.39 -20.79
N GLN A 40 -28.27 -3.42 -20.63
CA GLN A 40 -27.34 -2.85 -21.59
C GLN A 40 -26.08 -3.71 -21.62
N THR A 41 -25.38 -3.67 -22.76
CA THR A 41 -24.09 -4.36 -22.86
C THR A 41 -22.91 -3.45 -22.54
N SER A 42 -23.13 -2.15 -22.34
CA SER A 42 -22.03 -1.24 -22.03
C SER A 42 -22.54 -0.06 -21.22
N HIS A 43 -21.60 0.65 -20.61
CA HIS A 43 -21.88 1.72 -19.66
C HIS A 43 -22.62 2.88 -20.33
N GLY A 44 -23.30 3.66 -19.50
CA GLY A 44 -23.79 4.95 -19.92
C GLY A 44 -25.30 5.06 -19.97
N PRO A 45 -25.80 6.29 -20.22
CA PRO A 45 -27.23 6.52 -20.40
C PRO A 45 -27.81 5.63 -21.50
N PRO A 46 -29.12 5.33 -21.44
CA PRO A 46 -30.08 5.83 -20.46
C PRO A 46 -30.12 5.06 -19.13
N PHE A 47 -29.54 3.86 -19.07
CA PHE A 47 -29.66 3.03 -17.89
C PHE A 47 -28.40 2.94 -17.05
N TYR A 48 -27.27 3.48 -17.53
CA TYR A 48 -26.07 3.70 -16.73
C TYR A 48 -25.38 2.39 -16.33
N ALA A 49 -25.97 1.64 -15.41
CA ALA A 49 -25.45 0.31 -15.14
C ALA A 49 -25.71 -0.59 -16.35
N ALA A 50 -24.90 -1.64 -16.46
CA ALA A 50 -24.96 -2.51 -17.63
C ALA A 50 -24.22 -3.80 -17.31
N LEU A 51 -23.99 -4.61 -18.34
CA LEU A 51 -23.12 -5.76 -18.25
C LEU A 51 -21.84 -5.40 -17.49
N GLY A 52 -21.62 -6.08 -16.37
CA GLY A 52 -20.53 -5.77 -15.47
C GLY A 52 -20.98 -5.15 -14.16
N GLY A 53 -22.16 -4.53 -14.14
CA GLY A 53 -22.73 -4.03 -12.91
C GLY A 53 -22.41 -2.56 -12.65
N THR A 54 -22.87 -2.11 -11.49
CA THR A 54 -22.63 -0.73 -11.08
C THR A 54 -21.14 -0.46 -10.88
N CYS A 55 -20.43 -1.43 -10.28
CA CYS A 55 -19.02 -1.25 -9.98
C CYS A 55 -18.22 -0.95 -11.25
N VAL A 56 -18.38 -1.78 -12.29
CA VAL A 56 -17.63 -1.61 -13.52
C VAL A 56 -18.04 -0.31 -14.22
N ASN A 57 -19.34 -0.02 -14.28
CA ASN A 57 -19.85 0.99 -15.18
C ASN A 57 -20.01 2.36 -14.55
N VAL A 58 -20.55 2.45 -13.34
CA VAL A 58 -20.80 3.74 -12.71
C VAL A 58 -20.52 3.63 -11.21
N GLY A 59 -19.46 2.90 -10.86
CA GLY A 59 -19.12 2.70 -9.47
C GLY A 59 -17.62 2.65 -9.22
N CYS A 60 -17.15 1.56 -8.61
CA CYS A 60 -15.79 1.49 -8.11
C CYS A 60 -14.76 1.81 -9.20
N VAL A 61 -14.93 1.24 -10.38
CA VAL A 61 -13.91 1.33 -11.43
C VAL A 61 -13.80 2.76 -11.93
N PRO A 62 -14.87 3.37 -12.47
CA PRO A 62 -14.73 4.76 -12.94
C PRO A 62 -14.40 5.72 -11.81
N LYS A 63 -14.93 5.50 -10.61
CA LYS A 63 -14.59 6.32 -9.47
C LYS A 63 -13.09 6.31 -9.21
N LYS A 64 -12.48 5.12 -9.19
CA LYS A 64 -11.05 5.02 -8.91
C LYS A 64 -10.24 5.76 -9.96
N LEU A 65 -10.61 5.63 -11.24
CA LEU A 65 -9.88 6.32 -12.29
C LEU A 65 -9.96 7.83 -12.13
N MET A 66 -11.13 8.34 -11.75
CA MET A 66 -11.29 9.79 -11.66
C MET A 66 -10.65 10.35 -10.38
N VAL A 67 -10.66 9.59 -9.28
CA VAL A 67 -9.91 10.02 -8.10
C VAL A 67 -8.42 10.05 -8.42
N THR A 68 -7.92 9.01 -9.09
CA THR A 68 -6.52 8.99 -9.52
C THR A 68 -6.20 10.26 -10.31
N GLY A 69 -7.06 10.63 -11.25
CA GLY A 69 -6.86 11.87 -11.98
C GLY A 69 -6.85 13.07 -11.06
N ALA A 70 -7.75 13.10 -10.08
CA ALA A 70 -7.80 14.24 -9.16
C ALA A 70 -6.55 14.36 -8.31
N GLN A 71 -5.91 13.23 -7.98
CA GLN A 71 -4.71 13.26 -7.15
C GLN A 71 -3.56 14.01 -7.79
N TYR A 72 -3.59 14.20 -9.12
CA TYR A 72 -2.48 14.90 -9.77
C TYR A 72 -2.45 16.38 -9.42
N MET A 73 -3.57 16.96 -8.99
CA MET A 73 -3.52 18.33 -8.46
C MET A 73 -2.56 18.42 -7.29
N ASP A 74 -2.56 17.41 -6.42
CA ASP A 74 -1.63 17.38 -5.29
C ASP A 74 -0.22 17.04 -5.76
N HIS A 75 -0.08 16.03 -6.62
CA HIS A 75 1.24 15.63 -7.10
C HIS A 75 1.96 16.81 -7.74
N LEU A 76 1.28 17.54 -8.62
CA LEU A 76 1.92 18.66 -9.30
C LEU A 76 2.41 19.70 -8.29
N ARG A 77 1.57 20.05 -7.33
CA ARG A 77 1.96 21.02 -6.32
C ARG A 77 3.07 20.46 -5.43
N GLU A 78 2.92 19.21 -5.00
CA GLU A 78 3.87 18.63 -4.06
C GLU A 78 5.23 18.37 -4.69
N SER A 79 5.30 18.24 -6.02
CA SER A 79 6.57 17.97 -6.68
C SER A 79 7.59 19.09 -6.42
N ALA A 80 7.11 20.31 -6.18
CA ALA A 80 8.02 21.44 -6.03
C ALA A 80 8.96 21.25 -4.85
N GLY A 81 8.45 20.66 -3.76
CA GLY A 81 9.29 20.44 -2.59
C GLY A 81 10.45 19.50 -2.84
N PHE A 82 10.38 18.70 -3.89
CA PHE A 82 11.44 17.77 -4.24
C PHE A 82 12.27 18.26 -5.42
N GLY A 83 12.19 19.54 -5.74
CA GLY A 83 13.04 20.16 -6.74
C GLY A 83 12.47 20.24 -8.13
N TRP A 84 11.22 19.82 -8.33
CA TRP A 84 10.62 19.89 -9.66
C TRP A 84 10.10 21.29 -9.92
N GLU A 85 10.47 21.84 -11.07
CA GLU A 85 10.13 23.21 -11.44
C GLU A 85 9.43 23.20 -12.79
N PHE A 86 8.40 24.03 -12.93
CA PHE A 86 7.72 24.19 -14.20
C PHE A 86 6.77 25.37 -14.06
N ASP A 87 6.25 25.83 -15.20
CA ASP A 87 5.36 26.99 -15.25
C ASP A 87 4.02 26.62 -14.62
N GLY A 88 3.83 27.02 -13.36
CA GLY A 88 2.60 26.68 -12.66
C GLY A 88 1.37 27.32 -13.27
N SER A 89 1.53 28.46 -13.94
CA SER A 89 0.38 29.13 -14.56
C SER A 89 -0.09 28.41 -15.81
N SER A 90 0.69 27.48 -16.37
CA SER A 90 0.27 26.72 -17.53
C SER A 90 -0.52 25.46 -17.17
N VAL A 91 -0.64 25.14 -15.88
CA VAL A 91 -1.33 23.93 -15.46
C VAL A 91 -2.83 24.11 -15.71
N LYS A 92 -3.41 23.18 -16.48
CA LYS A 92 -4.84 23.13 -16.71
C LYS A 92 -5.27 21.67 -16.67
N ALA A 93 -6.51 21.44 -16.22
CA ALA A 93 -7.07 20.10 -16.17
C ALA A 93 -8.22 20.02 -17.17
N ASN A 94 -8.15 19.06 -18.08
CA ASN A 94 -9.15 18.90 -19.14
C ASN A 94 -10.12 17.79 -18.72
N TRP A 95 -11.34 18.20 -18.38
CA TRP A 95 -12.36 17.27 -17.89
C TRP A 95 -12.81 16.31 -18.99
N LYS A 96 -12.97 16.82 -20.22
CA LYS A 96 -13.42 15.97 -21.32
C LYS A 96 -12.44 14.83 -21.57
N LYS A 97 -11.14 15.10 -21.46
CA LYS A 97 -10.15 14.04 -21.64
C LYS A 97 -10.29 12.98 -20.55
N LEU A 98 -10.50 13.41 -19.30
CA LEU A 98 -10.71 12.45 -18.21
C LEU A 98 -11.90 11.55 -18.50
N ILE A 99 -13.05 12.15 -18.84
CA ILE A 99 -14.26 11.36 -19.10
C ILE A 99 -14.03 10.43 -20.29
N ALA A 100 -13.45 10.95 -21.37
CA ALA A 100 -13.20 10.13 -22.55
C ALA A 100 -12.30 8.95 -22.21
N ALA A 101 -11.23 9.21 -21.45
CA ALA A 101 -10.32 8.12 -21.08
C ALA A 101 -11.02 7.13 -20.16
N LYS A 102 -11.78 7.63 -19.18
CA LYS A 102 -12.57 6.74 -18.33
C LYS A 102 -13.52 5.89 -19.16
N ASN A 103 -14.16 6.49 -20.17
CA ASN A 103 -15.09 5.75 -21.00
C ASN A 103 -14.40 4.62 -21.76
N GLU A 104 -13.18 4.88 -22.25
CA GLU A 104 -12.44 3.84 -22.95
C GLU A 104 -12.12 2.67 -22.05
N ALA A 105 -11.68 2.95 -20.81
CA ALA A 105 -11.30 1.88 -19.89
C ALA A 105 -12.50 1.05 -19.47
N VAL A 106 -13.63 1.70 -19.16
CA VAL A 106 -14.84 0.97 -18.81
C VAL A 106 -15.32 0.14 -19.99
N LEU A 107 -15.29 0.74 -21.19
CA LEU A 107 -15.75 0.03 -22.37
C LEU A 107 -14.90 -1.20 -22.64
N ASP A 108 -13.59 -1.11 -22.38
CA ASP A 108 -12.73 -2.28 -22.54
C ASP A 108 -13.19 -3.43 -21.65
N ILE A 109 -13.65 -3.12 -20.44
CA ILE A 109 -14.19 -4.15 -19.56
C ILE A 109 -15.50 -4.69 -20.09
N ASN A 110 -16.39 -3.79 -20.55
CA ASN A 110 -17.64 -4.23 -21.16
C ASN A 110 -17.36 -5.21 -22.29
N LYS A 111 -16.41 -4.86 -23.17
CA LYS A 111 -16.10 -5.72 -24.31
C LYS A 111 -15.54 -7.05 -23.86
N SER A 112 -14.75 -7.04 -22.78
CA SER A 112 -14.18 -8.28 -22.28
C SER A 112 -15.27 -9.23 -21.78
N TYR A 113 -16.23 -8.70 -21.01
CA TYR A 113 -17.31 -9.54 -20.50
C TYR A 113 -18.18 -10.07 -21.63
N GLU A 114 -18.37 -9.28 -22.69
CA GLU A 114 -19.13 -9.80 -23.83
C GLU A 114 -18.41 -10.97 -24.48
N GLY A 115 -17.07 -10.91 -24.53
CA GLY A 115 -16.32 -12.04 -25.06
C GLY A 115 -16.42 -13.26 -24.17
N MET A 116 -16.47 -13.05 -22.86
CA MET A 116 -16.66 -14.16 -21.92
C MET A 116 -17.92 -14.95 -22.26
N PHE A 117 -19.03 -14.26 -22.46
CA PHE A 117 -20.29 -14.93 -22.79
C PHE A 117 -20.19 -15.66 -24.13
N ASN A 118 -19.61 -15.01 -25.14
CA ASN A 118 -19.57 -15.60 -26.47
C ASN A 118 -18.74 -16.88 -26.50
N ASP A 119 -17.75 -17.00 -25.61
CA ASP A 119 -16.80 -18.10 -25.68
C ASP A 119 -17.00 -19.17 -24.60
N THR A 120 -17.93 -18.98 -23.67
CA THR A 120 -18.13 -19.91 -22.56
C THR A 120 -19.41 -20.70 -22.80
N GLU A 121 -19.26 -22.02 -22.97
CA GLU A 121 -20.41 -22.87 -23.20
C GLU A 121 -21.32 -22.91 -21.98
N GLY A 122 -22.62 -22.92 -22.23
CA GLY A 122 -23.60 -22.96 -21.14
C GLY A 122 -23.74 -21.68 -20.37
N LEU A 123 -23.22 -20.56 -20.87
CA LEU A 123 -23.33 -19.27 -20.21
C LEU A 123 -23.83 -18.26 -21.24
N ASP A 124 -25.12 -17.94 -21.18
CA ASP A 124 -25.78 -17.13 -22.21
C ASP A 124 -26.28 -15.82 -21.62
N PHE A 125 -26.14 -14.75 -22.40
CA PHE A 125 -26.58 -13.41 -22.02
C PHE A 125 -27.86 -13.04 -22.76
N PHE A 126 -28.79 -12.42 -22.06
CA PHE A 126 -30.06 -11.98 -22.63
C PHE A 126 -30.25 -10.50 -22.32
N LEU A 127 -30.46 -9.69 -23.36
CA LEU A 127 -30.62 -8.26 -23.22
C LEU A 127 -32.08 -7.92 -22.98
N GLY A 128 -32.36 -7.20 -21.91
CA GLY A 128 -33.71 -6.81 -21.58
C GLY A 128 -33.89 -6.68 -20.09
N TRP A 129 -35.16 -6.55 -19.68
CA TRP A 129 -35.54 -6.38 -18.29
C TRP A 129 -36.16 -7.65 -17.77
N GLY A 130 -35.54 -8.23 -16.74
CA GLY A 130 -36.05 -9.46 -16.15
C GLY A 130 -37.02 -9.19 -15.01
N SER A 131 -38.01 -10.08 -14.91
CA SER A 131 -38.96 -10.03 -13.81
C SER A 131 -39.48 -11.44 -13.55
N LEU A 132 -40.13 -11.62 -12.41
CA LEU A 132 -40.64 -12.92 -12.01
C LEU A 132 -42.08 -13.09 -12.48
N GLU A 133 -42.30 -14.05 -13.37
CA GLU A 133 -43.64 -14.40 -13.79
C GLU A 133 -44.22 -15.51 -12.92
N SER A 134 -43.41 -16.50 -12.58
CA SER A 134 -43.81 -17.58 -11.69
C SER A 134 -42.57 -18.06 -10.95
N LYS A 135 -42.75 -19.07 -10.10
CA LYS A 135 -41.63 -19.58 -9.30
C LYS A 135 -40.50 -20.11 -10.16
N ASN A 136 -40.77 -20.50 -11.40
CA ASN A 136 -39.77 -21.13 -12.25
C ASN A 136 -39.67 -20.48 -13.63
N VAL A 137 -40.18 -19.26 -13.79
CA VAL A 137 -40.13 -18.58 -15.08
C VAL A 137 -39.71 -17.14 -14.86
N VAL A 138 -38.60 -16.75 -15.48
CA VAL A 138 -38.17 -15.36 -15.58
C VAL A 138 -38.58 -14.86 -16.96
N VAL A 139 -39.32 -13.76 -16.99
CA VAL A 139 -39.73 -13.14 -18.25
C VAL A 139 -38.81 -11.96 -18.53
N VAL A 140 -38.36 -11.85 -19.78
CA VAL A 140 -37.52 -10.76 -20.22
C VAL A 140 -38.36 -9.88 -21.14
N ARG A 141 -38.49 -8.60 -20.80
CA ARG A 141 -39.30 -7.67 -21.55
C ARG A 141 -38.43 -6.54 -22.12
N GLU A 142 -38.99 -5.81 -23.08
CA GLU A 142 -38.25 -4.77 -23.77
C GLU A 142 -37.88 -3.62 -22.85
N THR A 143 -38.76 -3.29 -21.90
CA THR A 143 -38.54 -2.18 -20.97
C THR A 143 -38.88 -2.64 -19.56
N ALA A 144 -38.62 -1.75 -18.59
CA ALA A 144 -38.97 -2.00 -17.21
C ALA A 144 -40.48 -2.00 -16.97
N ASP A 145 -41.27 -1.55 -17.94
CA ASP A 145 -42.72 -1.49 -17.79
C ASP A 145 -43.31 -2.88 -18.02
N PRO A 146 -44.11 -3.41 -17.09
CA PRO A 146 -44.71 -4.74 -17.30
C PRO A 146 -45.58 -4.82 -18.54
N LYS A 147 -45.97 -3.69 -19.12
CA LYS A 147 -46.77 -3.68 -20.34
C LYS A 147 -45.92 -3.81 -21.61
N SER A 148 -44.60 -3.77 -21.50
CA SER A 148 -43.76 -3.87 -22.69
C SER A 148 -43.74 -5.31 -23.20
N ALA A 149 -43.29 -5.47 -24.45
CA ALA A 149 -43.37 -6.75 -25.12
C ALA A 149 -42.40 -7.76 -24.51
N VAL A 150 -42.84 -9.02 -24.46
CA VAL A 150 -41.99 -10.11 -24.01
C VAL A 150 -40.96 -10.43 -25.08
N LYS A 151 -39.70 -10.57 -24.66
CA LYS A 151 -38.62 -11.01 -25.54
C LYS A 151 -38.35 -12.50 -25.39
N GLU A 152 -38.26 -12.98 -24.15
CA GLU A 152 -38.10 -14.40 -23.89
C GLU A 152 -38.77 -14.76 -22.57
N ARG A 153 -39.11 -16.03 -22.43
CA ARG A 153 -39.49 -16.61 -21.15
C ARG A 153 -38.48 -17.68 -20.82
N LEU A 154 -37.75 -17.48 -19.72
CA LEU A 154 -36.65 -18.36 -19.33
C LEU A 154 -37.13 -19.30 -18.24
N GLN A 155 -37.24 -20.58 -18.59
CA GLN A 155 -37.57 -21.60 -17.60
C GLN A 155 -36.36 -21.87 -16.72
N ALA A 156 -36.54 -21.80 -15.41
CA ALA A 156 -35.42 -21.82 -14.48
C ALA A 156 -35.69 -22.78 -13.34
N ASP A 157 -34.73 -23.67 -13.07
CA ASP A 157 -34.77 -24.46 -11.85
C ASP A 157 -34.37 -23.62 -10.64
N HIS A 158 -33.51 -22.62 -10.84
CA HIS A 158 -33.07 -21.72 -9.79
C HIS A 158 -33.01 -20.31 -10.35
N ILE A 159 -33.45 -19.34 -9.55
CA ILE A 159 -33.49 -17.94 -9.95
C ILE A 159 -32.68 -17.14 -8.94
N LEU A 160 -31.82 -16.27 -9.45
CA LEU A 160 -30.98 -15.41 -8.62
C LEU A 160 -31.34 -13.95 -8.89
N LEU A 161 -31.77 -13.25 -7.84
CA LEU A 161 -32.04 -11.82 -7.92
C LEU A 161 -30.78 -11.06 -7.54
N ALA A 162 -30.25 -10.27 -8.47
CA ALA A 162 -28.99 -9.57 -8.25
C ALA A 162 -29.00 -8.25 -9.02
N THR A 163 -30.03 -7.43 -8.80
CA THR A 163 -30.22 -6.19 -9.55
C THR A 163 -29.59 -4.98 -8.88
N GLY A 164 -28.93 -5.14 -7.74
CA GLY A 164 -28.17 -4.06 -7.16
C GLY A 164 -29.04 -3.03 -6.45
N SER A 165 -28.56 -1.78 -6.44
CA SER A 165 -29.24 -0.68 -5.79
C SER A 165 -29.29 0.51 -6.75
N TRP A 166 -29.88 1.61 -6.28
CA TRP A 166 -30.13 2.77 -7.14
C TRP A 166 -30.05 4.02 -6.28
N PRO A 167 -29.61 5.15 -6.84
CA PRO A 167 -29.50 6.37 -6.02
C PRO A 167 -30.85 6.80 -5.46
N GLN A 168 -30.86 7.11 -4.16
CA GLN A 168 -32.04 7.67 -3.52
C GLN A 168 -32.08 9.18 -3.74
N MET A 169 -33.21 9.68 -4.22
CA MET A 169 -33.37 11.10 -4.52
C MET A 169 -34.44 11.69 -3.62
N PRO A 170 -34.15 12.71 -2.81
CA PRO A 170 -35.17 13.25 -1.92
C PRO A 170 -36.26 13.98 -2.68
N ALA A 171 -37.46 13.96 -2.11
CA ALA A 171 -38.64 14.57 -2.74
C ALA A 171 -38.78 16.02 -2.28
N ILE A 172 -37.87 16.85 -2.78
CA ILE A 172 -37.91 18.29 -2.50
C ILE A 172 -38.31 19.00 -3.79
N PRO A 173 -38.95 20.17 -3.72
CA PRO A 173 -39.23 20.93 -4.94
C PRO A 173 -37.92 21.30 -5.64
N GLY A 174 -37.87 21.04 -6.94
CA GLY A 174 -36.67 21.28 -7.72
C GLY A 174 -35.71 20.12 -7.79
N ILE A 175 -36.09 18.95 -7.28
CA ILE A 175 -35.21 17.78 -7.36
C ILE A 175 -34.88 17.47 -8.82
N GLU A 176 -35.79 17.81 -9.74
CA GLU A 176 -35.53 17.59 -11.16
C GLU A 176 -34.32 18.36 -11.66
N HIS A 177 -33.90 19.40 -10.95
CA HIS A 177 -32.71 20.16 -11.33
C HIS A 177 -31.43 19.58 -10.74
N CYS A 178 -31.52 18.47 -10.02
CA CYS A 178 -30.37 17.84 -9.39
C CYS A 178 -29.99 16.57 -10.15
N ILE A 179 -28.80 16.05 -9.85
CA ILE A 179 -28.29 14.82 -10.44
C ILE A 179 -27.91 13.87 -9.32
N SER A 180 -27.56 12.65 -9.72
CA SER A 180 -26.98 11.65 -8.83
C SER A 180 -25.58 11.30 -9.35
N SER A 181 -24.94 10.33 -8.68
CA SER A 181 -23.63 9.89 -9.13
C SER A 181 -23.69 9.35 -10.55
N ASN A 182 -24.81 8.76 -10.95
CA ASN A 182 -24.95 8.24 -12.31
C ASN A 182 -24.62 9.30 -13.34
N GLU A 183 -25.28 10.46 -13.24
CA GLU A 183 -25.07 11.53 -14.22
C GLU A 183 -23.73 12.22 -14.03
N ALA A 184 -23.21 12.24 -12.79
CA ALA A 184 -21.92 12.88 -12.54
C ALA A 184 -20.82 12.28 -13.40
N PHE A 185 -20.90 10.98 -13.69
CA PHE A 185 -19.90 10.31 -14.51
C PHE A 185 -19.92 10.75 -15.97
N TYR A 186 -20.88 11.57 -16.38
CA TYR A 186 -21.01 11.96 -17.78
C TYR A 186 -21.25 13.46 -17.96
N LEU A 187 -20.94 14.26 -16.95
CA LEU A 187 -21.12 15.70 -17.08
C LEU A 187 -20.30 16.21 -18.27
N PRO A 188 -20.89 17.04 -19.15
CA PRO A 188 -20.11 17.51 -20.30
C PRO A 188 -18.97 18.43 -19.92
N GLU A 189 -19.10 19.18 -18.84
CA GLU A 189 -18.07 20.09 -18.38
C GLU A 189 -17.98 20.00 -16.86
N PRO A 190 -16.83 20.34 -16.30
CA PRO A 190 -16.69 20.28 -14.84
C PRO A 190 -17.35 21.49 -14.20
N PRO A 191 -18.16 21.30 -13.16
CA PRO A 191 -18.87 22.44 -12.57
C PRO A 191 -17.91 23.38 -11.87
N ARG A 192 -18.07 24.68 -12.13
CA ARG A 192 -17.31 25.68 -11.39
C ARG A 192 -17.69 25.67 -9.91
N ARG A 193 -18.98 25.62 -9.63
CA ARG A 193 -19.50 25.51 -8.28
C ARG A 193 -20.40 24.28 -8.22
N VAL A 194 -20.20 23.44 -7.22
CA VAL A 194 -20.96 22.20 -7.09
C VAL A 194 -21.28 21.97 -5.62
N LEU A 195 -22.49 21.47 -5.37
CA LEU A 195 -22.92 21.05 -4.04
C LEU A 195 -23.13 19.53 -4.08
N THR A 196 -22.32 18.81 -3.31
CA THR A 196 -22.52 17.38 -3.10
C THR A 196 -23.29 17.18 -1.80
N VAL A 197 -24.46 16.57 -1.89
CA VAL A 197 -25.36 16.42 -0.75
C VAL A 197 -25.18 15.02 -0.17
N GLY A 198 -24.82 14.95 1.10
CA GLY A 198 -24.60 13.68 1.77
C GLY A 198 -23.24 13.65 2.44
N GLY A 199 -23.13 12.86 3.51
CA GLY A 199 -21.89 12.68 4.23
C GLY A 199 -21.21 11.35 4.02
N GLY A 200 -21.71 10.52 3.10
CA GLY A 200 -21.14 9.21 2.85
C GLY A 200 -19.97 9.25 1.89
N PHE A 201 -19.49 8.05 1.55
CA PHE A 201 -18.26 7.94 0.78
C PHE A 201 -18.43 8.46 -0.65
N ILE A 202 -19.62 8.34 -1.23
CA ILE A 202 -19.82 8.81 -2.60
C ILE A 202 -19.70 10.33 -2.66
N SER A 203 -20.38 11.03 -1.74
CA SER A 203 -20.29 12.48 -1.71
C SER A 203 -18.86 12.95 -1.44
N VAL A 204 -18.18 12.29 -0.50
CA VAL A 204 -16.81 12.69 -0.16
C VAL A 204 -15.87 12.46 -1.34
N GLU A 205 -15.99 11.29 -1.99
CA GLU A 205 -15.08 10.96 -3.09
C GLU A 205 -15.30 11.90 -4.28
N PHE A 206 -16.56 12.20 -4.61
CA PHE A 206 -16.81 13.11 -5.73
C PHE A 206 -16.40 14.54 -5.41
N ALA A 207 -16.51 14.94 -4.14
CA ALA A 207 -16.05 16.26 -3.76
C ALA A 207 -14.57 16.45 -4.10
N GLY A 208 -13.76 15.43 -3.87
CA GLY A 208 -12.35 15.51 -4.23
C GLY A 208 -12.14 15.55 -5.73
N ILE A 209 -12.96 14.83 -6.48
CA ILE A 209 -12.86 14.85 -7.93
C ILE A 209 -13.20 16.23 -8.47
N PHE A 210 -14.37 16.76 -8.10
CA PHE A 210 -14.78 18.08 -8.58
C PHE A 210 -13.82 19.16 -8.13
N ASN A 211 -13.21 19.00 -6.95
CA ASN A 211 -12.30 20.01 -6.44
C ASN A 211 -11.05 20.11 -7.30
N ALA A 212 -10.60 19.00 -7.88
CA ALA A 212 -9.38 19.01 -8.67
C ALA A 212 -9.60 19.53 -10.08
N TYR A 213 -10.77 19.28 -10.67
CA TYR A 213 -11.02 19.61 -12.06
C TYR A 213 -11.86 20.87 -12.24
N LYS A 214 -12.23 21.55 -11.16
CA LYS A 214 -13.07 22.74 -11.28
C LYS A 214 -12.32 23.84 -12.03
N PRO A 215 -13.01 24.62 -12.86
CA PRO A 215 -12.35 25.74 -13.54
C PRO A 215 -11.96 26.83 -12.57
N PRO A 216 -11.19 27.83 -13.02
CA PRO A 216 -10.76 28.89 -12.11
C PRO A 216 -11.93 29.62 -11.47
N GLY A 217 -11.72 30.04 -10.23
CA GLY A 217 -12.78 30.67 -9.47
C GLY A 217 -13.85 29.71 -8.98
N GLY A 218 -13.53 28.42 -8.90
CA GLY A 218 -14.51 27.43 -8.50
C GLY A 218 -14.49 27.15 -7.01
N LYS A 219 -15.50 26.40 -6.56
CA LYS A 219 -15.61 26.05 -5.15
C LYS A 219 -16.50 24.83 -5.03
N VAL A 220 -16.04 23.84 -4.28
CA VAL A 220 -16.80 22.64 -3.96
C VAL A 220 -17.35 22.77 -2.55
N THR A 221 -18.65 22.54 -2.40
CA THR A 221 -19.30 22.53 -1.10
C THR A 221 -19.94 21.17 -0.87
N LEU A 222 -19.69 20.59 0.29
CA LEU A 222 -20.33 19.36 0.73
C LEU A 222 -21.20 19.67 1.93
N CYS A 223 -22.46 19.26 1.89
CA CYS A 223 -23.37 19.47 3.00
C CYS A 223 -23.86 18.12 3.53
N TYR A 224 -24.16 18.10 4.83
CA TYR A 224 -24.59 16.89 5.50
C TYR A 224 -25.56 17.27 6.62
N ARG A 225 -26.63 16.48 6.75
CA ARG A 225 -27.71 16.85 7.65
C ARG A 225 -27.29 16.86 9.11
N ASN A 226 -26.26 16.09 9.47
CA ASN A 226 -25.84 15.96 10.86
C ASN A 226 -24.47 16.61 11.05
N ASN A 227 -23.87 16.39 12.23
CA ASN A 227 -22.75 17.20 12.68
C ASN A 227 -21.39 16.72 12.16
N LEU A 228 -21.26 15.46 11.78
CA LEU A 228 -19.97 14.91 11.40
C LEU A 228 -20.16 13.92 10.25
N ILE A 229 -19.38 14.09 9.19
CA ILE A 229 -19.51 13.29 7.98
C ILE A 229 -19.00 11.87 8.21
N LEU A 230 -19.34 10.97 7.28
CA LEU A 230 -18.83 9.60 7.27
C LEU A 230 -19.23 8.84 8.54
N ARG A 231 -20.52 8.91 8.86
CA ARG A 231 -21.08 8.09 9.92
C ARG A 231 -20.73 6.63 9.69
N GLY A 232 -20.38 5.93 10.76
CA GLY A 232 -19.99 4.54 10.69
C GLY A 232 -18.50 4.30 10.63
N PHE A 233 -17.71 5.33 10.39
CA PHE A 233 -16.26 5.22 10.38
C PHE A 233 -15.69 5.70 11.71
N ASP A 234 -14.43 5.37 11.94
CA ASP A 234 -13.74 5.80 13.15
C ASP A 234 -13.85 7.31 13.32
N GLU A 235 -14.20 7.74 14.53
CA GLU A 235 -14.51 9.16 14.75
C GLU A 235 -13.28 10.03 14.55
N THR A 236 -12.11 9.56 14.97
CA THR A 236 -10.89 10.31 14.74
C THR A 236 -10.66 10.54 13.25
N ILE A 237 -10.87 9.50 12.44
CA ILE A 237 -10.70 9.65 10.99
C ILE A 237 -11.78 10.56 10.43
N ARG A 238 -13.01 10.44 10.91
CA ARG A 238 -14.08 11.33 10.44
C ARG A 238 -13.69 12.80 10.64
N GLU A 239 -13.13 13.12 11.80
CA GLU A 239 -12.73 14.51 12.06
C GLU A 239 -11.51 14.91 11.25
N GLU A 240 -10.58 13.98 11.02
CA GLU A 240 -9.36 14.34 10.29
C GLU A 240 -9.64 14.58 8.82
N VAL A 241 -10.40 13.69 8.17
CA VAL A 241 -10.72 13.90 6.76
C VAL A 241 -11.48 15.19 6.57
N THR A 242 -12.35 15.53 7.52
CA THR A 242 -13.02 16.82 7.49
C THR A 242 -12.01 17.95 7.42
N LYS A 243 -10.97 17.88 8.27
CA LYS A 243 -9.94 18.91 8.28
C LYS A 243 -9.11 18.88 7.00
N GLN A 244 -8.78 17.68 6.50
CA GLN A 244 -7.92 17.59 5.32
C GLN A 244 -8.69 17.90 4.05
N LEU A 245 -10.00 17.66 4.02
CA LEU A 245 -10.83 18.15 2.93
C LEU A 245 -10.89 19.68 2.95
N THR A 246 -11.13 20.24 4.13
CA THR A 246 -11.16 21.70 4.26
C THR A 246 -9.81 22.30 3.87
N ALA A 247 -8.71 21.66 4.26
CA ALA A 247 -7.38 22.17 3.95
C ALA A 247 -7.13 22.22 2.45
N ASN A 248 -7.84 21.41 1.66
CA ASN A 248 -7.66 21.37 0.21
C ASN A 248 -8.67 22.23 -0.53
N GLY A 249 -9.43 23.06 0.18
CA GLY A 249 -10.32 24.02 -0.46
C GLY A 249 -11.79 23.66 -0.47
N ILE A 250 -12.16 22.53 0.10
CA ILE A 250 -13.55 22.08 0.06
C ILE A 250 -14.29 22.63 1.28
N GLU A 251 -15.41 23.31 1.03
CA GLU A 251 -16.25 23.81 2.11
C GLU A 251 -17.20 22.71 2.56
N ILE A 252 -17.20 22.41 3.86
CA ILE A 252 -18.04 21.37 4.44
C ILE A 252 -19.13 22.06 5.26
N MET A 253 -20.39 21.75 4.93
CA MET A 253 -21.57 22.36 5.54
C MET A 253 -22.30 21.30 6.37
N THR A 254 -21.97 21.23 7.65
CA THR A 254 -22.61 20.28 8.53
C THR A 254 -23.88 20.88 9.13
N ASN A 255 -24.80 19.98 9.54
CA ASN A 255 -26.08 20.39 10.11
C ASN A 255 -26.88 21.26 9.13
N GLU A 256 -26.78 20.92 7.84
CA GLU A 256 -27.51 21.62 6.80
C GLU A 256 -28.08 20.61 5.82
N ASN A 257 -29.24 20.93 5.26
CA ASN A 257 -29.91 20.03 4.33
C ASN A 257 -30.73 20.84 3.33
N PRO A 258 -30.59 20.59 2.02
CA PRO A 258 -31.37 21.36 1.05
C PRO A 258 -32.88 21.17 1.26
N ALA A 259 -33.62 22.27 1.14
CA ALA A 259 -35.07 22.24 1.20
C ALA A 259 -35.71 22.41 -0.17
N LYS A 260 -35.08 23.15 -1.08
CA LYS A 260 -35.62 23.32 -2.42
C LYS A 260 -34.50 23.81 -3.34
N VAL A 261 -34.72 23.66 -4.64
CA VAL A 261 -33.78 24.10 -5.66
C VAL A 261 -34.57 24.77 -6.77
N SER A 262 -34.09 25.93 -7.23
CA SER A 262 -34.71 26.64 -8.33
C SER A 262 -33.64 27.06 -9.33
N LEU A 263 -34.08 27.43 -10.53
CA LEU A 263 -33.18 27.80 -11.60
C LEU A 263 -32.93 29.31 -11.60
N ASN A 264 -31.68 29.70 -11.74
CA ASN A 264 -31.35 31.08 -12.05
C ASN A 264 -31.48 31.31 -13.56
N THR A 265 -31.47 32.58 -13.95
CA THR A 265 -31.70 32.92 -15.35
C THR A 265 -30.61 32.33 -16.25
N ASP A 266 -29.41 32.12 -15.72
CA ASP A 266 -28.31 31.58 -16.49
C ASP A 266 -28.25 30.06 -16.48
N GLY A 267 -29.16 29.41 -15.76
CA GLY A 267 -29.18 27.96 -15.69
C GLY A 267 -28.58 27.37 -14.43
N SER A 268 -27.84 28.15 -13.65
CA SER A 268 -27.31 27.67 -12.39
C SER A 268 -28.47 27.40 -11.43
N LYS A 269 -28.15 26.76 -10.30
CA LYS A 269 -29.14 26.32 -9.34
C LYS A 269 -29.07 27.18 -8.09
N HIS A 270 -30.24 27.64 -7.63
CA HIS A 270 -30.37 28.38 -6.39
C HIS A 270 -30.88 27.41 -5.33
N VAL A 271 -30.01 27.06 -4.38
CA VAL A 271 -30.33 26.10 -3.33
C VAL A 271 -30.72 26.86 -2.08
N THR A 272 -31.84 26.47 -1.48
CA THR A 272 -32.26 26.98 -0.18
C THR A 272 -32.28 25.82 0.80
N PHE A 273 -31.60 26.00 1.93
CA PHE A 273 -31.53 24.97 2.96
C PHE A 273 -32.66 25.16 3.97
N GLU A 274 -32.95 24.08 4.71
CA GLU A 274 -33.97 24.16 5.75
C GLU A 274 -33.66 25.25 6.75
N SER A 275 -32.38 25.55 6.98
CA SER A 275 -31.98 26.59 7.92
C SER A 275 -32.26 27.99 7.41
N GLY A 276 -32.62 28.13 6.13
CA GLY A 276 -32.84 29.43 5.52
C GLY A 276 -31.67 29.93 4.68
N LYS A 277 -30.47 29.38 4.88
CA LYS A 277 -29.33 29.77 4.08
C LYS A 277 -29.58 29.43 2.61
N THR A 278 -28.89 30.14 1.73
CA THR A 278 -28.98 29.92 0.29
C THR A 278 -27.58 29.74 -0.28
N LEU A 279 -27.52 29.15 -1.47
CA LEU A 279 -26.26 28.90 -2.14
C LEU A 279 -26.53 28.73 -3.63
N ASP A 280 -25.72 29.40 -4.45
CA ASP A 280 -25.79 29.29 -5.91
C ASP A 280 -24.67 28.37 -6.37
N VAL A 281 -25.04 27.32 -7.10
CA VAL A 281 -24.08 26.37 -7.66
C VAL A 281 -24.47 26.05 -9.08
N ASP A 282 -23.54 25.46 -9.81
CA ASP A 282 -23.80 25.01 -11.18
C ASP A 282 -24.33 23.60 -11.24
N VAL A 283 -24.01 22.77 -10.24
CA VAL A 283 -24.48 21.39 -10.18
C VAL A 283 -24.81 21.06 -8.73
N VAL A 284 -25.92 20.34 -8.54
CA VAL A 284 -26.30 19.79 -7.25
C VAL A 284 -26.33 18.28 -7.41
N MET A 285 -25.39 17.59 -6.76
CA MET A 285 -25.33 16.13 -6.82
C MET A 285 -25.85 15.54 -5.52
N MET A 286 -26.91 14.74 -5.62
CA MET A 286 -27.50 14.07 -4.47
C MET A 286 -26.80 12.74 -4.27
N ALA A 287 -26.15 12.56 -3.12
CA ALA A 287 -25.55 11.29 -2.72
C ALA A 287 -25.92 11.01 -1.27
N ILE A 288 -27.24 10.94 -1.02
CA ILE A 288 -27.75 10.74 0.34
C ILE A 288 -28.01 9.28 0.65
N GLY A 289 -27.85 8.38 -0.30
CA GLY A 289 -28.05 6.97 -0.05
C GLY A 289 -28.41 6.24 -1.32
N ARG A 290 -28.40 4.90 -1.21
CA ARG A 290 -28.79 4.01 -2.30
C ARG A 290 -29.74 2.97 -1.74
N ILE A 291 -30.79 2.66 -2.51
CA ILE A 291 -31.85 1.79 -2.03
C ILE A 291 -31.95 0.56 -2.92
N PRO A 292 -32.37 -0.59 -2.40
CA PRO A 292 -32.43 -1.80 -3.21
C PRO A 292 -33.31 -1.64 -4.43
N ARG A 293 -32.88 -2.23 -5.55
CA ARG A 293 -33.58 -2.09 -6.82
C ARG A 293 -34.59 -3.21 -6.96
N THR A 294 -35.74 -3.02 -6.32
CA THR A 294 -36.80 -4.03 -6.25
C THR A 294 -38.04 -3.69 -7.08
N ASN A 295 -38.12 -2.48 -7.63
CA ASN A 295 -39.39 -1.98 -8.16
C ASN A 295 -39.78 -2.64 -9.47
N ASP A 296 -38.83 -3.18 -10.24
CA ASP A 296 -39.11 -3.69 -11.58
C ASP A 296 -39.22 -5.21 -11.63
N LEU A 297 -38.99 -5.91 -10.53
CA LEU A 297 -38.89 -7.37 -10.54
C LEU A 297 -40.24 -8.07 -10.42
N GLN A 298 -41.30 -7.35 -10.07
CA GLN A 298 -42.61 -7.94 -9.85
C GLN A 298 -42.53 -9.06 -8.80
N LEU A 299 -41.84 -8.77 -7.70
CA LEU A 299 -41.70 -9.75 -6.63
C LEU A 299 -43.05 -10.24 -6.13
N GLY A 300 -44.09 -9.39 -6.22
CA GLY A 300 -45.40 -9.78 -5.73
C GLY A 300 -46.02 -10.92 -6.51
N ASN A 301 -45.66 -11.07 -7.78
CA ASN A 301 -46.19 -12.17 -8.57
C ASN A 301 -45.88 -13.52 -7.93
N VAL A 302 -44.77 -13.61 -7.22
CA VAL A 302 -44.31 -14.87 -6.66
C VAL A 302 -44.34 -14.88 -5.13
N GLY A 303 -44.34 -13.71 -4.48
CA GLY A 303 -44.42 -13.65 -3.04
C GLY A 303 -43.11 -13.48 -2.32
N VAL A 304 -42.06 -13.03 -2.98
CA VAL A 304 -40.78 -12.79 -2.32
C VAL A 304 -40.94 -11.65 -1.32
N LYS A 305 -40.60 -11.91 -0.06
CA LYS A 305 -40.77 -10.94 1.01
C LYS A 305 -39.59 -9.99 1.10
N LEU A 306 -39.87 -8.75 1.47
CA LEU A 306 -38.84 -7.76 1.79
C LEU A 306 -38.72 -7.62 3.31
N THR A 307 -37.56 -7.12 3.73
CA THR A 307 -37.32 -6.88 5.15
C THR A 307 -38.05 -5.61 5.59
N PRO A 308 -38.07 -5.31 6.89
CA PRO A 308 -38.59 -4.00 7.32
C PRO A 308 -37.91 -2.85 6.61
N LYS A 309 -36.66 -2.99 6.21
CA LYS A 309 -36.04 -2.10 5.24
C LYS A 309 -36.41 -2.58 3.83
N GLY A 310 -35.98 -1.84 2.82
CA GLY A 310 -36.42 -2.16 1.47
C GLY A 310 -35.81 -3.40 0.86
N GLY A 311 -34.94 -4.12 1.57
CA GLY A 311 -34.16 -5.17 0.92
C GLY A 311 -34.91 -6.50 0.85
N VAL A 312 -34.52 -7.32 -0.13
CA VAL A 312 -35.04 -8.68 -0.21
C VAL A 312 -34.54 -9.47 0.99
N GLN A 313 -35.47 -10.10 1.71
CA GLN A 313 -35.12 -10.85 2.90
C GLN A 313 -34.49 -12.19 2.51
N VAL A 314 -33.34 -12.49 3.11
CA VAL A 314 -32.61 -13.72 2.86
C VAL A 314 -32.10 -14.27 4.18
N ASP A 315 -31.88 -15.59 4.20
CA ASP A 315 -31.17 -16.21 5.31
C ASP A 315 -29.68 -16.16 5.01
N GLU A 316 -28.87 -16.80 5.86
CA GLU A 316 -27.42 -16.73 5.71
C GLU A 316 -26.92 -17.42 4.44
N PHE A 317 -27.76 -18.23 3.79
CA PHE A 317 -27.41 -18.89 2.54
C PHE A 317 -28.06 -18.20 1.34
N SER A 318 -28.52 -16.96 1.49
CA SER A 318 -29.06 -16.15 0.40
C SER A 318 -30.39 -16.67 -0.13
N ARG A 319 -31.07 -17.54 0.62
CA ARG A 319 -32.37 -18.04 0.21
C ARG A 319 -33.46 -17.06 0.61
N THR A 320 -34.37 -16.77 -0.33
CA THR A 320 -35.55 -15.98 -0.02
C THR A 320 -36.58 -16.91 0.62
N ASN A 321 -37.79 -16.38 0.88
CA ASN A 321 -38.87 -17.19 1.41
C ASN A 321 -39.50 -18.10 0.36
N VAL A 322 -39.10 -17.97 -0.90
CA VAL A 322 -39.67 -18.75 -2.00
C VAL A 322 -38.65 -19.80 -2.41
N PRO A 323 -38.98 -21.09 -2.45
CA PRO A 323 -37.98 -22.10 -2.79
C PRO A 323 -37.37 -21.85 -4.16
N ASN A 324 -36.04 -22.04 -4.24
CA ASN A 324 -35.27 -21.96 -5.47
C ASN A 324 -35.12 -20.54 -6.00
N ILE A 325 -35.49 -19.53 -5.22
CA ILE A 325 -35.24 -18.14 -5.56
C ILE A 325 -34.30 -17.57 -4.51
N TYR A 326 -33.21 -16.95 -4.96
CA TYR A 326 -32.16 -16.44 -4.10
C TYR A 326 -31.91 -14.98 -4.43
N ALA A 327 -31.19 -14.30 -3.53
CA ALA A 327 -30.86 -12.90 -3.72
C ALA A 327 -29.52 -12.62 -3.07
N ILE A 328 -28.69 -11.84 -3.76
CA ILE A 328 -27.38 -11.45 -3.26
C ILE A 328 -27.11 -10.00 -3.64
N GLY A 329 -26.10 -9.42 -2.99
CA GLY A 329 -25.63 -8.10 -3.37
C GLY A 329 -26.45 -6.99 -2.73
N ASP A 330 -26.40 -5.82 -3.37
CA ASP A 330 -27.04 -4.64 -2.83
C ASP A 330 -28.55 -4.80 -2.67
N ILE A 331 -29.18 -5.68 -3.44
CA ILE A 331 -30.63 -5.83 -3.31
C ILE A 331 -31.03 -6.37 -1.94
N THR A 332 -30.09 -7.00 -1.23
CA THR A 332 -30.36 -7.47 0.13
C THR A 332 -30.08 -6.40 1.19
N ASP A 333 -29.45 -5.30 0.80
CA ASP A 333 -29.37 -4.10 1.65
C ASP A 333 -28.61 -4.39 2.95
N ARG A 334 -27.47 -5.06 2.81
CA ARG A 334 -26.60 -5.28 3.96
C ARG A 334 -25.30 -4.50 3.75
N LEU A 335 -24.21 -5.19 3.42
CA LEU A 335 -22.96 -4.51 3.05
C LEU A 335 -22.94 -4.32 1.54
N MET A 336 -23.09 -3.06 1.11
CA MET A 336 -23.13 -2.73 -0.31
C MET A 336 -21.69 -2.55 -0.81
N LEU A 337 -21.01 -3.68 -0.97
CA LEU A 337 -19.64 -3.72 -1.47
C LEU A 337 -19.52 -4.79 -2.54
N THR A 338 -18.73 -4.50 -3.58
CA THR A 338 -18.57 -5.46 -4.67
C THR A 338 -17.99 -6.79 -4.19
N PRO A 339 -16.90 -6.83 -3.42
CA PRO A 339 -16.36 -8.14 -3.02
C PRO A 339 -17.31 -8.96 -2.17
N VAL A 340 -18.22 -8.30 -1.44
CA VAL A 340 -19.21 -9.05 -0.67
C VAL A 340 -20.23 -9.70 -1.59
N ALA A 341 -20.72 -8.95 -2.59
CA ALA A 341 -21.62 -9.53 -3.57
C ALA A 341 -20.96 -10.70 -4.30
N ILE A 342 -19.68 -10.56 -4.65
CA ILE A 342 -18.95 -11.64 -5.31
C ILE A 342 -18.89 -12.86 -4.40
N ASN A 343 -18.51 -12.65 -3.14
CA ASN A 343 -18.40 -13.77 -2.20
C ASN A 343 -19.74 -14.45 -1.99
N GLU A 344 -20.81 -13.65 -1.85
CA GLU A 344 -22.14 -14.23 -1.69
C GLU A 344 -22.53 -15.06 -2.90
N GLY A 345 -22.24 -14.56 -4.10
CA GLY A 345 -22.56 -15.30 -5.31
C GLY A 345 -21.79 -16.61 -5.41
N ALA A 346 -20.49 -16.58 -5.08
CA ALA A 346 -19.69 -17.80 -5.11
C ALA A 346 -20.19 -18.79 -4.07
N ALA A 347 -20.46 -18.32 -2.85
CA ALA A 347 -20.97 -19.21 -1.81
C ALA A 347 -22.30 -19.83 -2.22
N LEU A 348 -23.18 -19.04 -2.84
CA LEU A 348 -24.48 -19.54 -3.25
C LEU A 348 -24.33 -20.71 -4.23
N VAL A 349 -23.45 -20.55 -5.22
CA VAL A 349 -23.29 -21.58 -6.24
C VAL A 349 -22.67 -22.83 -5.64
N ASP A 350 -21.68 -22.66 -4.77
CA ASP A 350 -21.10 -23.82 -4.08
C ASP A 350 -22.17 -24.58 -3.31
N THR A 351 -23.08 -23.86 -2.66
CA THR A 351 -24.11 -24.51 -1.86
C THR A 351 -25.12 -25.22 -2.75
N VAL A 352 -25.60 -24.54 -3.80
CA VAL A 352 -26.72 -25.06 -4.58
C VAL A 352 -26.27 -26.14 -5.55
N PHE A 353 -25.10 -26.00 -6.15
CA PHE A 353 -24.70 -26.87 -7.25
C PHE A 353 -23.51 -27.77 -6.94
N GLY A 354 -22.68 -27.43 -5.96
CA GLY A 354 -21.49 -28.22 -5.68
C GLY A 354 -21.57 -29.02 -4.39
N ASN A 355 -22.77 -29.17 -3.84
CA ASN A 355 -22.98 -29.77 -2.53
C ASN A 355 -21.83 -29.44 -1.59
N LYS A 356 -21.45 -28.16 -1.54
CA LYS A 356 -20.41 -27.65 -0.64
C LYS A 356 -21.01 -26.45 0.09
N PRO A 357 -21.74 -26.68 1.18
CA PRO A 357 -22.44 -25.58 1.85
C PRO A 357 -21.45 -24.50 2.30
N ARG A 358 -21.72 -23.27 1.87
CA ARG A 358 -20.86 -22.14 2.18
C ARG A 358 -21.72 -20.90 2.39
N LYS A 359 -21.34 -20.09 3.38
CA LYS A 359 -22.06 -18.85 3.67
C LYS A 359 -21.04 -17.73 3.88
N THR A 360 -21.39 -16.55 3.40
CA THR A 360 -20.48 -15.41 3.47
C THR A 360 -20.39 -14.89 4.91
N ASP A 361 -19.17 -14.55 5.32
CA ASP A 361 -18.92 -13.93 6.62
C ASP A 361 -18.96 -12.42 6.43
N HIS A 362 -19.95 -11.76 7.03
CA HIS A 362 -20.12 -10.33 6.87
C HIS A 362 -19.42 -9.52 7.96
N THR A 363 -18.70 -10.16 8.87
CA THR A 363 -17.90 -9.47 9.86
C THR A 363 -16.45 -9.38 9.39
N ARG A 364 -15.73 -8.41 9.94
CA ARG A 364 -14.30 -8.25 9.68
C ARG A 364 -14.03 -8.07 8.19
N VAL A 365 -14.94 -7.41 7.48
CA VAL A 365 -14.78 -7.14 6.06
C VAL A 365 -14.01 -5.85 5.90
N ALA A 366 -12.89 -5.91 5.18
CA ALA A 366 -12.08 -4.72 4.92
C ALA A 366 -12.71 -3.91 3.81
N SER A 367 -12.63 -2.59 3.93
CA SER A 367 -13.15 -1.69 2.91
C SER A 367 -12.32 -0.42 2.91
N ALA A 368 -12.57 0.44 1.92
CA ALA A 368 -11.80 1.66 1.76
C ALA A 368 -12.71 2.78 1.30
N VAL A 369 -12.26 4.01 1.55
CA VAL A 369 -12.86 5.21 0.98
C VAL A 369 -11.76 5.95 0.24
N PHE A 370 -11.97 6.21 -1.04
CA PHE A 370 -10.94 6.85 -1.85
C PHE A 370 -11.08 8.37 -1.84
N SER A 371 -11.19 8.92 -0.64
CA SER A 371 -10.97 10.33 -0.43
C SER A 371 -9.49 10.65 -0.62
N ILE A 372 -9.16 11.94 -0.55
CA ILE A 372 -7.78 12.38 -0.67
C ILE A 372 -7.40 13.12 0.60
N PRO A 373 -6.60 12.49 1.48
CA PRO A 373 -6.09 11.10 1.43
C PRO A 373 -7.16 10.04 1.69
N PRO A 374 -6.87 8.79 1.35
CA PRO A 374 -7.87 7.73 1.44
C PRO A 374 -7.99 7.11 2.82
N ILE A 375 -9.05 6.33 3.00
CA ILE A 375 -9.34 5.62 4.24
C ILE A 375 -9.25 4.13 3.98
N GLY A 376 -8.72 3.40 4.95
CA GLY A 376 -8.75 1.95 4.94
C GLY A 376 -9.16 1.43 6.30
N THR A 377 -10.16 0.54 6.35
CA THR A 377 -10.73 0.14 7.62
C THR A 377 -11.17 -1.32 7.57
N CYS A 378 -11.18 -1.96 8.73
CA CYS A 378 -11.64 -3.33 8.86
C CYS A 378 -12.01 -3.60 10.30
N GLY A 379 -13.20 -4.15 10.51
CA GLY A 379 -13.64 -4.51 11.85
C GLY A 379 -14.43 -3.40 12.53
N LEU A 380 -14.49 -3.50 13.85
CA LEU A 380 -15.34 -2.65 14.66
C LEU A 380 -14.68 -1.32 15.00
N ILE A 381 -15.48 -0.26 14.99
CA ILE A 381 -15.05 1.00 15.60
C ILE A 381 -15.20 0.90 17.11
N GLU A 382 -14.47 1.75 17.83
CA GLU A 382 -14.31 1.56 19.26
C GLU A 382 -15.64 1.70 20.01
N GLU A 383 -16.50 2.63 19.58
CA GLU A 383 -17.76 2.81 20.28
C GLU A 383 -18.68 1.60 20.11
N VAL A 384 -18.53 0.85 19.02
CA VAL A 384 -19.28 -0.39 18.85
C VAL A 384 -18.69 -1.49 19.72
N ALA A 385 -17.36 -1.64 19.69
CA ALA A 385 -16.71 -2.63 20.53
C ALA A 385 -16.97 -2.38 22.01
N ALA A 386 -17.12 -1.12 22.40
CA ALA A 386 -17.32 -0.79 23.81
C ALA A 386 -18.64 -1.35 24.33
N LYS A 387 -19.64 -1.49 23.47
CA LYS A 387 -20.93 -2.05 23.86
C LYS A 387 -20.97 -3.57 23.77
N GLU A 388 -19.95 -4.20 23.20
CA GLU A 388 -19.89 -5.64 23.06
C GLU A 388 -18.87 -6.30 23.96
N PHE A 389 -17.95 -5.54 24.54
CA PHE A 389 -16.87 -6.10 25.36
C PHE A 389 -16.70 -5.28 26.62
N GLU A 390 -16.38 -5.96 27.72
CA GLU A 390 -16.22 -5.28 29.00
C GLU A 390 -15.00 -4.37 28.99
N LYS A 391 -13.86 -4.89 28.56
CA LYS A 391 -12.61 -4.12 28.50
C LYS A 391 -12.20 -3.99 27.04
N VAL A 392 -12.08 -2.75 26.57
CA VAL A 392 -11.64 -2.44 25.21
C VAL A 392 -10.48 -1.46 25.31
N ALA A 393 -9.41 -1.75 24.58
CA ALA A 393 -8.25 -0.88 24.50
C ALA A 393 -8.13 -0.31 23.09
N VAL A 394 -7.63 0.92 23.01
CA VAL A 394 -7.47 1.62 21.74
C VAL A 394 -6.02 2.05 21.63
N TYR A 395 -5.34 1.57 20.58
CA TYR A 395 -3.99 1.98 20.26
C TYR A 395 -4.06 2.98 19.10
N MET A 396 -3.46 4.15 19.30
CA MET A 396 -3.61 5.24 18.34
C MET A 396 -2.26 5.89 18.07
N SER A 397 -2.03 6.22 16.80
CA SER A 397 -0.82 6.93 16.37
C SER A 397 -1.20 7.89 15.27
N SER A 398 -0.73 9.13 15.38
CA SER A 398 -1.05 10.18 14.42
C SER A 398 0.19 11.02 14.18
N PHE A 399 0.49 11.30 12.92
CA PHE A 399 1.71 12.02 12.57
C PHE A 399 1.63 12.48 11.12
N THR A 400 2.27 13.61 10.84
CA THR A 400 2.48 14.03 9.46
C THR A 400 3.71 13.31 8.91
N PRO A 401 3.55 12.44 7.89
CA PRO A 401 4.74 11.77 7.34
C PRO A 401 5.80 12.76 6.91
N LEU A 402 7.04 12.29 6.84
CA LEU A 402 8.15 13.18 6.54
C LEU A 402 8.02 13.76 5.13
N MET A 403 7.68 12.92 4.15
CA MET A 403 7.59 13.40 2.77
C MET A 403 6.64 14.59 2.67
N HIS A 404 5.63 14.66 3.54
CA HIS A 404 4.62 15.71 3.45
C HIS A 404 5.04 16.99 4.18
N ASN A 405 6.04 16.92 5.06
CA ASN A 405 6.67 18.14 5.53
C ASN A 405 7.54 18.76 4.44
N ILE A 406 8.19 17.91 3.63
CA ILE A 406 8.98 18.40 2.51
C ILE A 406 8.06 18.84 1.37
N SER A 407 6.96 18.11 1.17
CA SER A 407 6.05 18.42 0.06
C SER A 407 5.28 19.72 0.28
N GLY A 408 5.11 20.14 1.53
CA GLY A 408 4.31 21.31 1.84
C GLY A 408 2.88 21.01 2.22
N SER A 409 2.45 19.74 2.17
CA SER A 409 1.11 19.36 2.59
C SER A 409 1.16 18.83 4.02
N LYS A 410 1.50 19.74 4.93
CA LYS A 410 1.68 19.37 6.33
C LYS A 410 0.37 19.00 7.02
N TYR A 411 -0.77 19.36 6.43
CA TYR A 411 -2.05 18.95 6.97
C TYR A 411 -2.34 17.48 6.77
N LYS A 412 -1.54 16.77 5.97
CA LYS A 412 -1.80 15.37 5.64
C LYS A 412 -1.21 14.47 6.72
N LYS A 413 -1.94 14.35 7.82
CA LYS A 413 -1.51 13.50 8.93
C LYS A 413 -2.02 12.08 8.71
N PHE A 414 -1.13 11.11 8.92
CA PHE A 414 -1.48 9.70 8.85
C PHE A 414 -2.00 9.27 10.21
N VAL A 415 -3.13 8.55 10.21
CA VAL A 415 -3.77 8.07 11.43
C VAL A 415 -3.86 6.55 11.37
N ALA A 416 -3.40 5.90 12.43
CA ALA A 416 -3.48 4.44 12.56
C ALA A 416 -4.10 4.13 13.91
N LYS A 417 -5.20 3.38 13.89
CA LYS A 417 -5.91 2.97 15.10
C LYS A 417 -6.10 1.47 15.12
N ILE A 418 -5.98 0.89 16.32
CA ILE A 418 -6.23 -0.53 16.54
C ILE A 418 -7.11 -0.66 17.77
N VAL A 419 -8.26 -1.32 17.61
CA VAL A 419 -9.20 -1.58 18.70
C VAL A 419 -9.07 -3.04 19.09
N THR A 420 -8.93 -3.30 20.39
CA THR A 420 -8.74 -4.65 20.89
C THR A 420 -9.69 -4.95 22.03
N ASN A 421 -10.02 -6.22 22.17
CA ASN A 421 -10.60 -6.74 23.40
C ASN A 421 -9.47 -6.92 24.39
N HIS A 422 -9.41 -6.04 25.41
CA HIS A 422 -8.26 -6.02 26.30
C HIS A 422 -8.16 -7.27 27.17
N SER A 423 -9.22 -8.07 27.26
CA SER A 423 -9.17 -9.28 28.07
C SER A 423 -8.13 -10.25 27.54
N ASP A 424 -8.06 -10.43 26.21
CA ASP A 424 -7.11 -11.33 25.59
C ASP A 424 -6.28 -10.67 24.49
N GLY A 425 -6.52 -9.40 24.18
CA GLY A 425 -5.75 -8.68 23.19
C GLY A 425 -6.20 -8.89 21.76
N THR A 426 -7.28 -9.63 21.53
CA THR A 426 -7.75 -9.85 20.17
C THR A 426 -8.05 -8.53 19.48
N VAL A 427 -7.51 -8.36 18.27
CA VAL A 427 -7.77 -7.17 17.48
C VAL A 427 -9.21 -7.23 16.96
N LEU A 428 -9.99 -6.21 17.29
CA LEU A 428 -11.38 -6.11 16.86
C LEU A 428 -11.54 -5.23 15.63
N GLY A 429 -10.67 -4.25 15.43
CA GLY A 429 -10.78 -3.37 14.29
C GLY A 429 -9.50 -2.59 14.06
N VAL A 430 -9.23 -2.27 12.80
CA VAL A 430 -8.12 -1.44 12.40
C VAL A 430 -8.64 -0.37 11.47
N HIS A 431 -8.20 0.87 11.71
CA HIS A 431 -8.70 2.02 10.97
C HIS A 431 -7.54 2.92 10.59
N LEU A 432 -7.44 3.23 9.29
CA LEU A 432 -6.29 3.94 8.74
C LEU A 432 -6.75 5.12 7.91
N LEU A 433 -6.01 6.23 8.01
CA LEU A 433 -6.19 7.39 7.15
C LEU A 433 -4.83 7.83 6.65
N GLY A 434 -4.70 7.95 5.33
CA GLY A 434 -3.46 8.38 4.72
C GLY A 434 -3.12 7.61 3.47
N ASP A 435 -2.13 8.08 2.72
CA ASP A 435 -1.74 7.45 1.47
C ASP A 435 -1.44 5.97 1.69
N GLY A 436 -1.97 5.12 0.82
CA GLY A 436 -1.75 3.69 0.89
C GLY A 436 -2.67 2.93 1.81
N ALA A 437 -3.54 3.63 2.56
CA ALA A 437 -4.40 2.93 3.51
C ALA A 437 -5.25 1.84 2.88
N PRO A 438 -5.84 2.02 1.69
CA PRO A 438 -6.61 0.91 1.09
C PRO A 438 -5.77 -0.32 0.79
N GLU A 439 -4.53 -0.13 0.37
CA GLU A 439 -3.66 -1.28 0.09
C GLU A 439 -3.18 -1.93 1.37
N ILE A 440 -2.96 -1.13 2.42
CA ILE A 440 -2.48 -1.68 3.69
C ILE A 440 -3.53 -2.58 4.33
N ILE A 441 -4.81 -2.18 4.26
CA ILE A 441 -5.82 -2.83 5.07
C ILE A 441 -6.21 -4.21 4.53
N GLN A 442 -5.92 -4.51 3.27
CA GLN A 442 -6.31 -5.79 2.70
C GLN A 442 -5.77 -6.95 3.55
N ALA A 443 -4.45 -7.01 3.69
CA ALA A 443 -3.86 -8.11 4.46
C ALA A 443 -4.20 -8.03 5.94
N VAL A 444 -4.54 -6.84 6.45
CA VAL A 444 -5.07 -6.74 7.80
C VAL A 444 -6.36 -7.56 7.91
N GLY A 445 -7.14 -7.62 6.83
CA GLY A 445 -8.31 -8.46 6.83
C GLY A 445 -7.98 -9.93 7.01
N VAL A 446 -6.87 -10.38 6.41
CA VAL A 446 -6.41 -11.74 6.63
C VAL A 446 -6.01 -11.94 8.08
N CYS A 447 -5.35 -10.95 8.68
CA CYS A 447 -4.96 -11.04 10.08
C CYS A 447 -6.19 -11.20 10.98
N LEU A 448 -7.21 -10.38 10.75
CA LEU A 448 -8.40 -10.44 11.60
C LEU A 448 -9.14 -11.76 11.44
N ARG A 449 -9.11 -12.37 10.26
N ARG A 449 -9.11 -12.35 10.24
CA ARG A 449 -9.75 -13.67 10.09
CA ARG A 449 -9.70 -13.67 10.04
C ARG A 449 -8.95 -14.77 10.78
C ARG A 449 -8.96 -14.73 10.84
N LEU A 450 -7.66 -14.52 11.07
CA LEU A 450 -6.86 -15.42 11.88
C LEU A 450 -6.92 -15.08 13.36
N ASN A 451 -7.79 -14.15 13.74
CA ASN A 451 -7.97 -13.76 15.14
C ASN A 451 -6.66 -13.24 15.74
N ALA A 452 -5.95 -12.44 14.96
CA ALA A 452 -4.68 -11.88 15.42
C ALA A 452 -4.89 -11.05 16.68
N LYS A 453 -3.88 -11.06 17.54
CA LYS A 453 -3.85 -10.23 18.72
C LYS A 453 -2.89 -9.06 18.50
N ILE A 454 -3.01 -8.05 19.36
CA ILE A 454 -2.15 -6.88 19.23
C ILE A 454 -0.69 -7.28 19.31
N SER A 455 -0.37 -8.31 20.10
CA SER A 455 1.02 -8.74 20.22
C SER A 455 1.52 -9.38 18.93
N ASP A 456 0.63 -10.01 18.17
CA ASP A 456 1.03 -10.52 16.85
C ASP A 456 1.48 -9.39 15.93
N PHE A 457 0.94 -8.18 16.14
CA PHE A 457 1.35 -7.05 15.31
C PHE A 457 2.66 -6.44 15.80
N TYR A 458 2.77 -6.12 17.09
CA TYR A 458 3.98 -5.42 17.54
C TYR A 458 5.17 -6.36 17.70
N ASN A 459 4.98 -7.67 17.63
CA ASN A 459 6.09 -8.61 17.59
C ASN A 459 6.47 -9.00 16.16
N THR A 460 5.76 -8.48 15.16
CA THR A 460 6.18 -8.62 13.78
C THR A 460 7.20 -7.56 13.43
N ILE A 461 8.26 -7.94 12.74
CA ILE A 461 9.32 -7.00 12.38
C ILE A 461 8.81 -6.08 11.29
N GLY A 462 9.10 -4.78 11.43
CA GLY A 462 8.53 -3.80 10.54
C GLY A 462 9.28 -3.71 9.21
N VAL A 463 8.57 -3.16 8.23
CA VAL A 463 9.14 -2.80 6.94
C VAL A 463 9.42 -1.31 6.98
N HIS A 464 10.67 -0.93 6.75
CA HIS A 464 11.08 0.46 6.93
C HIS A 464 11.67 1.04 5.63
N PRO A 465 11.34 2.29 5.29
CA PRO A 465 10.35 3.19 5.87
C PRO A 465 9.00 3.08 5.16
N THR A 466 7.95 2.75 5.91
CA THR A 466 6.60 2.72 5.38
C THR A 466 5.65 3.30 6.42
N SER A 467 4.46 3.66 5.95
CA SER A 467 3.40 4.03 6.88
C SER A 467 2.86 2.80 7.60
N ALA A 468 2.83 1.65 6.91
CA ALA A 468 2.24 0.45 7.47
C ALA A 468 2.96 -0.03 8.73
N GLU A 469 4.28 0.19 8.80
CA GLU A 469 5.03 -0.29 9.96
C GLU A 469 4.55 0.35 11.25
N GLU A 470 3.82 1.47 11.16
CA GLU A 470 3.25 2.06 12.37
C GLU A 470 2.30 1.08 13.07
N LEU A 471 1.69 0.16 12.33
CA LEU A 471 0.79 -0.82 12.93
C LEU A 471 1.54 -1.82 13.81
N CYS A 472 2.84 -2.00 13.59
CA CYS A 472 3.64 -2.92 14.38
C CYS A 472 4.48 -2.20 15.43
N SER A 473 4.20 -0.92 15.69
CA SER A 473 4.97 -0.12 16.63
C SER A 473 4.13 0.36 17.81
N MET A 474 2.92 -0.14 17.96
CA MET A 474 2.01 0.25 19.04
C MET A 474 1.83 -0.93 19.97
N ARG A 475 2.42 -0.85 21.17
CA ARG A 475 2.30 -1.90 22.16
C ARG A 475 1.69 -1.46 23.48
N THR A 476 1.46 -0.15 23.67
CA THR A 476 0.81 0.35 24.86
C THR A 476 -0.48 1.06 24.48
N PRO A 477 -1.63 0.69 25.06
CA PRO A 477 -2.87 1.38 24.70
C PRO A 477 -2.80 2.88 24.95
N SER A 478 -3.51 3.63 24.11
CA SER A 478 -3.63 5.07 24.32
C SER A 478 -4.74 5.41 25.31
N TYR A 479 -5.83 4.64 25.30
CA TYR A 479 -6.91 4.79 26.27
C TYR A 479 -7.77 3.53 26.22
N TYR A 480 -8.80 3.50 27.06
CA TYR A 480 -9.60 2.29 27.25
C TYR A 480 -11.08 2.63 27.27
N TYR A 481 -11.89 1.58 27.09
CA TYR A 481 -13.32 1.61 27.37
C TYR A 481 -13.61 0.45 28.31
N VAL A 482 -14.01 0.75 29.55
CA VAL A 482 -14.41 -0.27 30.50
C VAL A 482 -15.92 -0.12 30.72
N LYS A 483 -16.66 -1.19 30.47
CA LYS A 483 -18.12 -1.18 30.62
C LYS A 483 -18.74 -0.01 29.87
N GLY A 484 -18.09 0.42 28.78
CA GLY A 484 -18.59 1.47 27.93
C GLY A 484 -18.09 2.86 28.25
N GLU A 485 -17.28 3.03 29.29
CA GLU A 485 -16.83 4.34 29.74
C GLU A 485 -15.40 4.59 29.26
N LYS A 486 -15.21 5.68 28.51
CA LYS A 486 -13.89 6.04 28.03
C LYS A 486 -13.04 6.56 29.19
N MET A 487 -11.78 6.11 29.24
CA MET A 487 -10.87 6.56 30.27
C MET A 487 -9.44 6.34 29.80
N GLU A 488 -8.53 7.19 30.29
CA GLU A 488 -7.15 7.16 29.85
C GLU A 488 -6.40 5.95 30.40
N LYS A 489 -6.75 5.51 31.60
CA LYS A 489 -6.05 4.41 32.26
C LYS A 489 -7.06 3.49 32.93
N LEU A 490 -6.67 2.22 33.07
CA LEU A 490 -7.56 1.26 33.72
C LEU A 490 -7.77 1.64 35.18
N PRO A 491 -8.89 1.24 35.78
CA PRO A 491 -9.18 1.65 37.15
C PRO A 491 -8.15 1.20 38.16
N ASP A 492 -8.05 -0.10 38.38
CA ASP A 492 -7.16 -0.64 39.40
C ASP A 492 -7.09 -2.17 39.33
N ALA B 7 32.20 3.85 35.97
CA ALA B 7 32.08 2.80 34.98
C ALA B 7 30.71 2.85 34.30
N PHE B 8 30.54 2.05 33.26
CA PHE B 8 29.30 1.99 32.49
C PHE B 8 28.75 0.58 32.50
N ASP B 9 27.43 0.47 32.63
CA ASP B 9 26.78 -0.83 32.48
C ASP B 9 26.90 -1.34 31.05
N LEU B 10 26.83 -0.43 30.09
CA LEU B 10 26.88 -0.79 28.68
C LEU B 10 27.58 0.32 27.92
N VAL B 11 28.55 -0.04 27.09
CA VAL B 11 29.17 0.88 26.14
C VAL B 11 28.84 0.37 24.74
N VAL B 12 28.22 1.23 23.94
CA VAL B 12 27.80 0.87 22.59
C VAL B 12 28.71 1.59 21.60
N ILE B 13 29.34 0.84 20.73
CA ILE B 13 30.15 1.39 19.64
C ILE B 13 29.28 1.43 18.40
N GLY B 14 28.83 2.63 18.04
CA GLY B 14 27.94 2.80 16.90
C GLY B 14 26.57 3.30 17.31
N ALA B 15 26.28 4.56 16.99
CA ALA B 15 25.00 5.17 17.34
C ALA B 15 24.03 5.06 16.16
N GLY B 16 23.79 3.82 15.73
CA GLY B 16 22.94 3.52 14.61
C GLY B 16 21.61 2.91 15.02
N SER B 17 20.98 2.23 14.06
CA SER B 17 19.67 1.64 14.29
C SER B 17 19.68 0.72 15.50
N GLY B 18 20.60 -0.26 15.51
CA GLY B 18 20.65 -1.19 16.63
C GLY B 18 21.26 -0.58 17.87
N GLY B 19 22.33 0.21 17.71
CA GLY B 19 23.01 0.77 18.86
C GLY B 19 22.14 1.70 19.67
N LEU B 20 21.37 2.56 19.00
CA LEU B 20 20.54 3.53 19.71
C LEU B 20 19.35 2.85 20.38
N GLU B 21 18.77 1.83 19.73
CA GLU B 21 17.70 1.07 20.38
C GLU B 21 18.21 0.40 21.65
N ALA B 22 19.34 -0.29 21.55
CA ALA B 22 19.91 -0.94 22.73
C ALA B 22 20.25 0.07 23.81
N GLY B 23 20.92 1.17 23.44
CA GLY B 23 21.29 2.17 24.43
C GLY B 23 20.08 2.81 25.08
N TRP B 24 19.10 3.21 24.27
CA TRP B 24 17.92 3.87 24.81
C TRP B 24 17.16 2.97 25.77
N ASN B 25 16.90 1.73 25.34
CA ASN B 25 16.15 0.80 26.19
C ASN B 25 16.85 0.58 27.53
N ALA B 26 18.16 0.34 27.48
CA ALA B 26 18.90 0.04 28.71
C ALA B 26 18.86 1.21 29.68
N ALA B 27 18.84 2.45 29.17
CA ALA B 27 18.87 3.62 30.03
C ALA B 27 17.50 3.97 30.57
N THR B 28 16.45 3.81 29.76
CA THR B 28 15.10 4.22 30.15
C THR B 28 14.26 3.09 30.71
N LEU B 29 14.42 1.86 30.20
CA LEU B 29 13.62 0.75 30.69
C LEU B 29 14.24 0.10 31.93
N TYR B 30 15.57 0.16 32.08
CA TYR B 30 16.24 -0.48 33.20
C TYR B 30 17.19 0.46 33.94
N GLY B 31 17.12 1.76 33.68
CA GLY B 31 17.89 2.73 34.42
C GLY B 31 19.38 2.43 34.49
N LYS B 32 19.93 1.82 33.45
CA LYS B 32 21.35 1.53 33.41
C LYS B 32 22.13 2.72 32.86
N ARG B 33 23.40 2.79 33.21
CA ARG B 33 24.29 3.85 32.75
C ARG B 33 24.94 3.42 31.44
N VAL B 34 24.66 4.17 30.37
CA VAL B 34 25.02 3.76 29.02
C VAL B 34 25.87 4.84 28.38
N ALA B 35 26.90 4.41 27.65
CA ALA B 35 27.69 5.28 26.79
C ALA B 35 27.53 4.83 25.35
N VAL B 36 27.49 5.79 24.43
CA VAL B 36 27.34 5.52 23.00
C VAL B 36 28.40 6.32 22.25
N VAL B 37 29.10 5.65 21.34
CA VAL B 37 30.20 6.25 20.58
C VAL B 37 29.81 6.27 19.11
N ASP B 38 30.11 7.39 18.45
CA ASP B 38 29.96 7.49 17.00
C ASP B 38 30.91 8.56 16.50
N VAL B 39 31.23 8.49 15.21
CA VAL B 39 32.31 9.31 14.65
C VAL B 39 31.86 10.71 14.24
N GLN B 40 30.55 10.96 14.17
CA GLN B 40 30.04 12.25 13.73
C GLN B 40 28.70 12.51 14.39
N THR B 41 28.41 13.79 14.62
CA THR B 41 27.13 14.19 15.20
C THR B 41 26.09 14.50 14.14
N SER B 42 26.49 14.79 12.91
CA SER B 42 25.55 15.08 11.83
C SER B 42 26.04 14.43 10.54
N HIS B 43 25.11 14.31 9.60
CA HIS B 43 25.35 13.59 8.35
C HIS B 43 26.44 14.26 7.52
N GLY B 44 27.01 13.47 6.60
CA GLY B 44 27.78 14.01 5.52
C GLY B 44 29.25 13.61 5.54
N PRO B 45 29.98 14.00 4.48
CA PRO B 45 31.43 13.80 4.44
C PRO B 45 32.09 14.35 5.70
N PRO B 46 33.24 13.79 6.10
CA PRO B 46 33.99 12.71 5.44
C PRO B 46 33.51 11.29 5.78
N PHE B 47 32.74 11.12 6.85
CA PHE B 47 32.38 9.80 7.34
C PHE B 47 30.96 9.40 6.98
N TYR B 48 30.13 10.33 6.50
CA TYR B 48 28.81 10.04 5.94
C TYR B 48 27.82 9.54 6.98
N ALA B 49 28.03 8.34 7.50
CA ALA B 49 27.21 7.86 8.61
C ALA B 49 27.59 8.63 9.88
N ALA B 50 26.61 8.81 10.76
CA ALA B 50 26.82 9.60 11.95
C ALA B 50 25.75 9.23 12.98
N LEU B 51 25.58 10.08 13.98
CA LEU B 51 24.51 9.91 14.96
C LEU B 51 23.20 9.62 14.23
N GLY B 52 22.61 8.45 14.53
CA GLY B 52 21.43 7.97 13.85
C GLY B 52 21.68 6.79 12.95
N GLY B 53 22.92 6.60 12.50
CA GLY B 53 23.29 5.42 11.72
C GLY B 53 23.21 5.64 10.23
N THR B 54 23.46 4.53 9.51
CA THR B 54 23.39 4.56 8.05
C THR B 54 21.98 4.87 7.58
N CYS B 55 20.97 4.30 8.24
CA CYS B 55 19.58 4.46 7.82
C CYS B 55 19.18 5.93 7.82
N VAL B 56 19.52 6.65 8.88
CA VAL B 56 19.12 8.05 9.01
C VAL B 56 19.92 8.92 8.04
N ASN B 57 21.22 8.69 7.94
CA ASN B 57 22.12 9.65 7.32
C ASN B 57 22.39 9.36 5.84
N VAL B 58 22.62 8.11 5.48
CA VAL B 58 22.91 7.75 4.09
C VAL B 58 22.28 6.40 3.78
N GLY B 59 21.03 6.22 4.16
CA GLY B 59 20.34 4.96 3.95
C GLY B 59 18.85 5.10 3.72
N CYS B 60 18.06 4.38 4.51
CA CYS B 60 16.62 4.26 4.24
C CYS B 60 15.96 5.62 4.08
N VAL B 61 16.20 6.53 5.03
CA VAL B 61 15.45 7.77 5.12
C VAL B 61 15.74 8.66 3.91
N PRO B 62 16.98 9.08 3.69
CA PRO B 62 17.24 9.94 2.51
C PRO B 62 16.95 9.24 1.20
N LYS B 63 17.29 7.95 1.10
CA LYS B 63 16.96 7.18 -0.10
C LYS B 63 15.47 7.26 -0.41
N LYS B 64 14.63 7.05 0.61
CA LYS B 64 13.19 7.12 0.39
C LYS B 64 12.76 8.48 -0.11
N LEU B 65 13.28 9.55 0.51
CA LEU B 65 12.94 10.90 0.06
C LEU B 65 13.33 11.12 -1.39
N MET B 66 14.48 10.60 -1.80
CA MET B 66 14.97 10.85 -3.16
C MET B 66 14.23 9.99 -4.19
N VAL B 67 13.81 8.79 -3.82
CA VAL B 67 12.96 8.00 -4.71
C VAL B 67 11.59 8.67 -4.85
N THR B 68 11.04 9.16 -3.74
CA THR B 68 9.80 9.92 -3.82
C THR B 68 9.92 11.07 -4.82
N GLY B 69 11.01 11.83 -4.72
CA GLY B 69 11.23 12.89 -5.69
C GLY B 69 11.34 12.35 -7.10
N ALA B 70 12.00 11.20 -7.27
CA ALA B 70 12.17 10.63 -8.61
C ALA B 70 10.84 10.17 -9.20
N GLN B 71 9.90 9.73 -8.35
CA GLN B 71 8.62 9.24 -8.84
C GLN B 71 7.82 10.33 -9.54
N TYR B 72 8.13 11.60 -9.27
CA TYR B 72 7.39 12.68 -9.91
C TYR B 72 7.63 12.75 -11.41
N MET B 73 8.77 12.24 -11.90
CA MET B 73 8.95 12.16 -13.34
C MET B 73 7.84 11.33 -13.98
N ASP B 74 7.46 10.22 -13.33
CA ASP B 74 6.35 9.41 -13.83
C ASP B 74 5.02 10.12 -13.61
N HIS B 75 4.82 10.72 -12.44
CA HIS B 75 3.56 11.41 -12.16
C HIS B 75 3.31 12.51 -13.19
N LEU B 76 4.31 13.36 -13.44
CA LEU B 76 4.14 14.44 -14.40
C LEU B 76 3.75 13.90 -15.77
N ARG B 77 4.42 12.84 -16.23
CA ARG B 77 4.11 12.27 -17.52
C ARG B 77 2.73 11.61 -17.52
N GLU B 78 2.46 10.81 -16.49
CA GLU B 78 1.20 10.05 -16.46
C GLU B 78 -0.02 10.94 -16.26
N SER B 79 0.15 12.14 -15.69
CA SER B 79 -0.98 13.02 -15.48
C SER B 79 -1.67 13.37 -16.79
N ALA B 80 -0.93 13.35 -17.90
CA ALA B 80 -1.51 13.72 -19.19
C ALA B 80 -2.67 12.81 -19.57
N GLY B 81 -2.57 11.53 -19.24
CA GLY B 81 -3.65 10.60 -19.54
C GLY B 81 -4.94 10.88 -18.80
N PHE B 82 -4.90 11.72 -17.76
CA PHE B 82 -6.08 12.07 -16.99
C PHE B 82 -6.50 13.53 -17.23
N GLY B 83 -6.00 14.15 -18.30
CA GLY B 83 -6.44 15.45 -18.71
C GLY B 83 -5.57 16.61 -18.26
N TRP B 84 -4.47 16.34 -17.56
CA TRP B 84 -3.62 17.42 -17.08
C TRP B 84 -2.64 17.85 -18.17
N GLU B 85 -2.46 19.16 -18.31
CA GLU B 85 -1.50 19.70 -19.25
C GLU B 85 -0.73 20.84 -18.59
N PHE B 86 0.52 21.00 -19.02
CA PHE B 86 1.37 22.09 -18.58
C PHE B 86 2.54 22.21 -19.54
N ASP B 87 3.23 23.35 -19.47
CA ASP B 87 4.36 23.61 -20.36
C ASP B 87 5.46 22.58 -20.12
N GLY B 88 5.47 21.51 -20.91
CA GLY B 88 6.47 20.47 -20.72
C GLY B 88 7.89 20.98 -20.88
N SER B 89 8.09 21.97 -21.75
CA SER B 89 9.43 22.48 -21.99
C SER B 89 9.96 23.32 -20.83
N SER B 90 9.11 23.69 -19.87
CA SER B 90 9.55 24.43 -18.69
C SER B 90 9.92 23.51 -17.54
N VAL B 91 9.84 22.19 -17.73
CA VAL B 91 10.04 21.24 -16.64
C VAL B 91 11.53 21.06 -16.41
N LYS B 92 11.96 21.21 -15.16
CA LYS B 92 13.32 20.90 -14.75
C LYS B 92 13.29 20.18 -13.42
N ALA B 93 14.18 19.18 -13.28
CA ALA B 93 14.35 18.45 -12.03
C ALA B 93 15.58 19.05 -11.33
N ASN B 94 15.33 19.86 -10.31
CA ASN B 94 16.41 20.59 -9.63
C ASN B 94 17.03 19.67 -8.57
N TRP B 95 18.14 19.04 -8.94
CA TRP B 95 18.83 18.13 -8.03
C TRP B 95 19.31 18.86 -6.77
N LYS B 96 19.80 20.09 -6.92
CA LYS B 96 20.33 20.82 -5.78
C LYS B 96 19.24 21.08 -4.74
N LYS B 97 18.02 21.38 -5.20
CA LYS B 97 16.92 21.58 -4.25
C LYS B 97 16.58 20.28 -3.56
N LEU B 98 16.55 19.17 -4.30
CA LEU B 98 16.30 17.87 -3.67
C LEU B 98 17.29 17.59 -2.55
N ILE B 99 18.58 17.71 -2.85
CA ILE B 99 19.61 17.43 -1.85
C ILE B 99 19.48 18.37 -0.67
N ALA B 100 19.24 19.65 -0.93
CA ALA B 100 19.08 20.62 0.16
C ALA B 100 17.89 20.24 1.04
N ALA B 101 16.77 19.85 0.44
CA ALA B 101 15.62 19.42 1.23
C ALA B 101 15.93 18.14 1.99
N LYS B 102 16.63 17.19 1.34
CA LYS B 102 17.04 15.97 2.02
C LYS B 102 17.97 16.28 3.19
N ASN B 103 18.95 17.16 2.96
CA ASN B 103 19.94 17.46 3.99
C ASN B 103 19.28 18.03 5.24
N GLU B 104 18.31 18.94 5.08
N GLU B 104 18.32 18.96 5.07
CA GLU B 104 17.67 19.53 6.25
CA GLU B 104 17.63 19.53 6.22
C GLU B 104 16.79 18.51 6.98
C GLU B 104 16.84 18.49 6.98
N ALA B 105 16.18 17.58 6.25
CA ALA B 105 15.40 16.54 6.91
C ALA B 105 16.30 15.62 7.72
N VAL B 106 17.45 15.22 7.17
CA VAL B 106 18.39 14.38 7.91
C VAL B 106 18.97 15.15 9.09
N LEU B 107 19.35 16.41 8.88
CA LEU B 107 19.93 17.20 9.96
C LEU B 107 18.96 17.34 11.12
N ASP B 108 17.67 17.54 10.81
CA ASP B 108 16.67 17.63 11.88
C ASP B 108 16.66 16.36 12.73
N ILE B 109 16.86 15.20 12.11
CA ILE B 109 16.92 13.96 12.85
C ILE B 109 18.20 13.90 13.67
N ASN B 110 19.33 14.32 13.08
CA ASN B 110 20.57 14.40 13.85
C ASN B 110 20.38 15.24 15.10
N LYS B 111 19.80 16.43 14.94
CA LYS B 111 19.57 17.31 16.09
C LYS B 111 18.65 16.65 17.11
N SER B 112 17.64 15.92 16.65
CA SER B 112 16.72 15.25 17.56
C SER B 112 17.46 14.27 18.46
N TYR B 113 18.25 13.37 17.86
CA TYR B 113 19.05 12.45 18.66
C TYR B 113 20.04 13.20 19.55
N GLU B 114 20.55 14.33 19.07
CA GLU B 114 21.42 15.16 19.91
C GLU B 114 20.68 15.60 21.16
N GLY B 115 19.42 16.00 21.02
CA GLY B 115 18.64 16.40 22.18
C GLY B 115 18.32 15.24 23.09
N MET B 116 18.06 14.06 22.52
CA MET B 116 17.78 12.87 23.32
C MET B 116 18.90 12.63 24.33
N PHE B 117 20.15 12.66 23.87
CA PHE B 117 21.28 12.41 24.76
C PHE B 117 21.37 13.48 25.84
N ASN B 118 21.12 14.74 25.48
CA ASN B 118 21.27 15.82 26.45
C ASN B 118 20.21 15.76 27.55
N ASP B 119 19.04 15.19 27.25
CA ASP B 119 17.91 15.22 28.18
C ASP B 119 17.63 13.87 28.85
N THR B 120 18.45 12.85 28.58
CA THR B 120 18.27 11.53 29.18
C THR B 120 19.46 11.24 30.08
N GLU B 121 19.20 11.10 31.38
CA GLU B 121 20.25 10.75 32.32
C GLU B 121 20.57 9.27 32.23
N GLY B 122 21.84 8.93 32.40
CA GLY B 122 22.30 7.58 32.19
C GLY B 122 22.56 7.23 30.74
N LEU B 123 22.42 8.18 29.83
CA LEU B 123 22.64 7.96 28.40
C LEU B 123 23.53 9.08 27.88
N ASP B 124 24.78 8.76 27.59
CA ASP B 124 25.78 9.75 27.21
C ASP B 124 26.41 9.39 25.87
N PHE B 125 26.75 10.42 25.11
CA PHE B 125 27.33 10.27 23.78
C PHE B 125 28.77 10.74 23.79
N PHE B 126 29.64 9.99 23.12
CA PHE B 126 31.06 10.32 23.00
C PHE B 126 31.43 10.37 21.52
N LEU B 127 31.95 11.51 21.08
CA LEU B 127 32.37 11.67 19.69
C LEU B 127 33.78 11.12 19.52
N GLY B 128 33.96 10.27 18.52
CA GLY B 128 35.26 9.70 18.23
C GLY B 128 35.12 8.31 17.66
N TRP B 129 36.26 7.64 17.54
CA TRP B 129 36.35 6.31 16.96
C TRP B 129 36.58 5.29 18.07
N GLY B 130 35.64 4.37 18.22
CA GLY B 130 35.70 3.38 19.28
C GLY B 130 36.42 2.11 18.82
N SER B 131 37.19 1.54 19.74
CA SER B 131 37.86 0.27 19.48
C SER B 131 38.04 -0.46 20.81
N LEU B 132 38.34 -1.75 20.70
CA LEU B 132 38.48 -2.62 21.87
C LEU B 132 39.92 -2.59 22.35
N GLU B 133 40.17 -1.97 23.50
CA GLU B 133 41.48 -2.03 24.13
C GLU B 133 41.63 -3.31 24.93
N SER B 134 40.60 -3.68 25.69
CA SER B 134 40.57 -4.95 26.40
C SER B 134 39.11 -5.38 26.49
N LYS B 135 38.88 -6.52 27.16
CA LYS B 135 37.54 -7.07 27.27
C LYS B 135 36.60 -6.19 28.09
N ASN B 136 37.12 -5.18 28.79
CA ASN B 136 36.30 -4.29 29.61
C ASN B 136 36.58 -2.82 29.33
N VAL B 137 37.33 -2.50 28.28
CA VAL B 137 37.74 -1.13 28.00
C VAL B 137 37.48 -0.84 26.53
N VAL B 138 36.72 0.22 26.26
CA VAL B 138 36.55 0.76 24.91
C VAL B 138 37.29 2.09 24.88
N VAL B 139 38.28 2.18 23.99
CA VAL B 139 39.06 3.40 23.82
C VAL B 139 38.47 4.21 22.68
N VAL B 140 38.33 5.52 22.90
CA VAL B 140 37.81 6.44 21.91
C VAL B 140 38.96 7.31 21.43
N ARG B 141 39.27 7.22 20.14
CA ARG B 141 40.39 7.95 19.54
C ARG B 141 39.87 9.01 18.59
N GLU B 142 40.76 9.93 18.23
CA GLU B 142 40.38 11.05 17.37
C GLU B 142 40.09 10.59 15.94
N THR B 143 40.78 9.56 15.46
CA THR B 143 40.58 9.05 14.12
C THR B 143 40.59 7.53 14.15
N ALA B 144 40.27 6.93 13.00
CA ALA B 144 40.31 5.48 12.87
C ALA B 144 41.72 4.92 13.04
N ASP B 145 42.74 5.76 12.91
CA ASP B 145 44.12 5.32 13.10
C ASP B 145 44.31 4.85 14.53
N PRO B 146 44.70 3.58 14.76
CA PRO B 146 44.90 3.13 16.15
C PRO B 146 45.94 3.92 16.90
N LYS B 147 46.84 4.62 16.22
CA LYS B 147 47.86 5.44 16.86
C LYS B 147 47.44 6.89 17.05
N SER B 148 46.21 7.25 16.66
CA SER B 148 45.77 8.63 16.84
C SER B 148 45.53 8.91 18.32
N ALA B 149 45.46 10.20 18.65
CA ALA B 149 45.35 10.62 20.04
C ALA B 149 44.10 10.05 20.69
N VAL B 150 44.22 9.71 21.97
CA VAL B 150 43.12 9.14 22.73
C VAL B 150 42.27 10.28 23.29
N LYS B 151 40.96 10.12 23.21
CA LYS B 151 40.02 11.06 23.80
C LYS B 151 39.41 10.54 25.10
N GLU B 152 39.01 9.27 25.14
CA GLU B 152 38.40 8.69 26.31
C GLU B 152 38.78 7.21 26.39
N ARG B 153 38.71 6.66 27.58
CA ARG B 153 38.78 5.21 27.81
C ARG B 153 37.58 4.83 28.66
N LEU B 154 36.59 4.20 28.05
CA LEU B 154 35.33 3.90 28.71
C LEU B 154 35.40 2.52 29.34
N GLN B 155 35.24 2.47 30.66
CA GLN B 155 35.16 1.20 31.38
C GLN B 155 33.75 0.65 31.26
N ALA B 156 33.64 -0.63 30.90
CA ALA B 156 32.34 -1.20 30.53
C ALA B 156 32.18 -2.60 31.13
N ASP B 157 31.05 -2.81 31.80
CA ASP B 157 30.68 -4.16 32.18
C ASP B 157 30.18 -4.96 30.98
N HIS B 158 29.55 -4.29 30.02
CA HIS B 158 29.08 -4.93 28.80
C HIS B 158 29.44 -4.04 27.62
N ILE B 159 29.86 -4.66 26.53
CA ILE B 159 30.24 -3.97 25.31
C ILE B 159 29.36 -4.47 24.18
N LEU B 160 28.80 -3.53 23.41
CA LEU B 160 27.96 -3.86 22.26
C LEU B 160 28.64 -3.35 21.00
N LEU B 161 28.92 -4.26 20.08
CA LEU B 161 29.46 -3.89 18.77
C LEU B 161 28.29 -3.67 17.82
N ALA B 162 28.17 -2.45 17.29
CA ALA B 162 27.06 -2.11 16.40
C ALA B 162 27.51 -1.04 15.42
N THR B 163 28.61 -1.32 14.70
CA THR B 163 29.20 -0.37 13.78
C THR B 163 28.67 -0.49 12.36
N GLY B 164 27.75 -1.43 12.10
CA GLY B 164 27.11 -1.50 10.81
C GLY B 164 28.00 -2.13 9.75
N SER B 165 27.77 -1.72 8.50
CA SER B 165 28.51 -2.23 7.35
C SER B 165 29.03 -1.06 6.54
N TRP B 166 29.69 -1.37 5.42
CA TRP B 166 30.38 -0.38 4.61
C TRP B 166 30.38 -0.85 3.17
N PRO B 167 30.36 0.06 2.19
CA PRO B 167 30.31 -0.38 0.78
C PRO B 167 31.54 -1.19 0.40
N GLN B 168 31.30 -2.26 -0.36
CA GLN B 168 32.39 -3.05 -0.92
C GLN B 168 32.87 -2.43 -2.22
N MET B 169 34.19 -2.38 -2.39
CA MET B 169 34.79 -1.79 -3.58
C MET B 169 35.73 -2.81 -4.21
N PRO B 170 35.63 -3.07 -5.51
CA PRO B 170 36.54 -4.03 -6.14
C PRO B 170 37.93 -3.44 -6.35
N ALA B 171 38.92 -4.34 -6.43
CA ALA B 171 40.32 -3.93 -6.59
C ALA B 171 40.64 -3.88 -8.08
N ILE B 172 40.21 -2.79 -8.71
CA ILE B 172 40.50 -2.54 -10.12
C ILE B 172 41.30 -1.24 -10.23
N PRO B 173 42.19 -1.11 -11.21
CA PRO B 173 42.89 0.17 -11.39
C PRO B 173 41.90 1.31 -11.61
N GLY B 174 42.13 2.41 -10.92
CA GLY B 174 41.25 3.56 -11.01
C GLY B 174 40.01 3.47 -10.15
N ILE B 175 39.97 2.56 -9.18
CA ILE B 175 38.81 2.46 -8.30
C ILE B 175 38.59 3.77 -7.56
N GLU B 176 39.64 4.55 -7.35
CA GLU B 176 39.52 5.81 -6.63
C GLU B 176 38.57 6.79 -7.31
N HIS B 177 38.38 6.66 -8.62
CA HIS B 177 37.51 7.55 -9.36
C HIS B 177 36.05 7.11 -9.33
N CYS B 178 35.73 6.02 -8.64
CA CYS B 178 34.37 5.55 -8.48
C CYS B 178 33.85 5.98 -7.11
N ILE B 179 32.54 6.18 -7.03
CA ILE B 179 31.89 6.52 -5.78
C ILE B 179 31.12 5.30 -5.28
N SER B 180 30.64 5.39 -4.04
CA SER B 180 29.66 4.47 -3.49
C SER B 180 28.37 5.23 -3.23
N SER B 181 27.40 4.53 -2.64
CA SER B 181 26.14 5.18 -2.29
C SER B 181 26.37 6.36 -1.35
N ASN B 182 27.41 6.29 -0.50
CA ASN B 182 27.71 7.39 0.40
C ASN B 182 27.86 8.70 -0.35
N GLU B 183 28.75 8.73 -1.34
CA GLU B 183 29.01 9.98 -2.06
C GLU B 183 27.83 10.36 -2.95
N ALA B 184 27.05 9.38 -3.40
CA ALA B 184 25.92 9.68 -4.28
C ALA B 184 24.96 10.66 -3.63
N PHE B 185 24.79 10.57 -2.31
CA PHE B 185 23.89 11.47 -1.59
C PHE B 185 24.37 12.91 -1.57
N TYR B 186 25.60 13.19 -2.04
CA TYR B 186 26.17 14.53 -1.92
C TYR B 186 26.81 15.01 -3.22
N LEU B 187 26.47 14.39 -4.35
CA LEU B 187 26.97 14.88 -5.63
C LEU B 187 26.54 16.32 -5.84
N PRO B 188 27.45 17.24 -6.17
CA PRO B 188 27.02 18.64 -6.38
C PRO B 188 26.07 18.81 -7.52
N GLU B 189 26.20 18.01 -8.58
CA GLU B 189 25.34 18.09 -9.75
C GLU B 189 24.80 16.71 -10.09
N PRO B 190 23.64 16.62 -10.71
CA PRO B 190 23.15 15.33 -11.17
C PRO B 190 23.92 14.87 -12.38
N PRO B 191 24.45 13.64 -12.37
CA PRO B 191 25.26 13.19 -13.51
C PRO B 191 24.42 13.04 -14.76
N ARG B 192 24.95 13.54 -15.88
CA ARG B 192 24.29 13.32 -17.17
C ARG B 192 24.36 11.85 -17.57
N ARG B 193 25.53 11.24 -17.40
CA ARG B 193 25.73 9.82 -17.68
C ARG B 193 26.25 9.16 -16.41
N VAL B 194 25.61 8.07 -16.00
CA VAL B 194 25.99 7.38 -14.78
C VAL B 194 25.98 5.89 -15.03
N LEU B 195 26.98 5.20 -14.48
CA LEU B 195 27.05 3.75 -14.46
C LEU B 195 26.95 3.29 -13.01
N THR B 196 25.89 2.56 -12.69
CA THR B 196 25.75 1.90 -11.40
C THR B 196 26.17 0.44 -11.56
N VAL B 197 27.13 0.02 -10.74
CA VAL B 197 27.73 -1.30 -10.85
C VAL B 197 27.14 -2.19 -9.76
N GLY B 198 26.49 -3.28 -10.16
CA GLY B 198 25.89 -4.22 -9.24
C GLY B 198 24.44 -4.46 -9.57
N GLY B 199 23.95 -5.64 -9.21
CA GLY B 199 22.56 -6.01 -9.40
C GLY B 199 21.71 -5.95 -8.16
N GLY B 200 22.24 -5.44 -7.04
CA GLY B 200 21.52 -5.41 -5.80
C GLY B 200 20.54 -4.24 -5.72
N PHE B 201 19.87 -4.15 -4.57
CA PHE B 201 18.78 -3.19 -4.43
C PHE B 201 19.29 -1.75 -4.43
N ILE B 202 20.49 -1.51 -3.90
CA ILE B 202 21.03 -0.16 -3.89
C ILE B 202 21.28 0.32 -5.32
N SER B 203 21.86 -0.53 -6.15
CA SER B 203 22.11 -0.15 -7.54
C SER B 203 20.82 0.12 -8.28
N VAL B 204 19.81 -0.73 -8.09
CA VAL B 204 18.52 -0.53 -8.76
C VAL B 204 17.84 0.74 -8.26
N GLU B 205 17.86 0.97 -6.94
CA GLU B 205 17.17 2.13 -6.39
C GLU B 205 17.79 3.44 -6.88
N PHE B 206 19.12 3.51 -6.90
CA PHE B 206 19.79 4.73 -7.33
C PHE B 206 19.70 4.92 -8.83
N ALA B 207 19.62 3.82 -9.60
CA ALA B 207 19.42 3.96 -11.04
C ALA B 207 18.14 4.72 -11.33
N GLY B 208 17.07 4.45 -10.57
CA GLY B 208 15.83 5.19 -10.75
C GLY B 208 15.93 6.63 -10.30
N ILE B 209 16.70 6.89 -9.24
CA ILE B 209 16.90 8.27 -8.79
C ILE B 209 17.66 9.06 -9.85
N PHE B 210 18.80 8.53 -10.31
CA PHE B 210 19.59 9.22 -11.33
C PHE B 210 18.80 9.37 -12.63
N ASN B 211 17.94 8.40 -12.95
CA ASN B 211 17.19 8.47 -14.19
C ASN B 211 16.19 9.62 -14.18
N ALA B 212 15.66 9.97 -13.00
CA ALA B 212 14.66 11.03 -12.93
C ALA B 212 15.28 12.41 -12.93
N TYR B 213 16.46 12.59 -12.34
CA TYR B 213 17.05 13.91 -12.17
C TYR B 213 18.17 14.20 -13.16
N LYS B 214 18.43 13.31 -14.11
CA LYS B 214 19.53 13.53 -15.05
C LYS B 214 19.20 14.72 -15.96
N PRO B 215 20.20 15.52 -16.33
CA PRO B 215 19.95 16.65 -17.24
C PRO B 215 19.67 16.17 -18.65
N PRO B 216 19.33 17.08 -19.55
CA PRO B 216 18.99 16.66 -20.93
C PRO B 216 20.12 15.89 -21.58
N GLY B 217 19.74 14.91 -22.40
CA GLY B 217 20.71 14.07 -23.07
C GLY B 217 21.39 13.06 -22.16
N GLY B 218 20.79 12.76 -21.00
CA GLY B 218 21.40 11.86 -20.05
C GLY B 218 21.04 10.40 -20.29
N LYS B 219 21.79 9.53 -19.63
CA LYS B 219 21.57 8.09 -19.77
C LYS B 219 22.08 7.39 -18.52
N VAL B 220 21.23 6.57 -17.91
CA VAL B 220 21.60 5.73 -16.78
C VAL B 220 21.87 4.33 -17.28
N THR B 221 23.05 3.81 -16.99
CA THR B 221 23.41 2.43 -17.31
C THR B 221 23.65 1.66 -16.03
N LEU B 222 23.05 0.48 -15.93
CA LEU B 222 23.28 -0.43 -14.81
C LEU B 222 23.92 -1.70 -15.35
N CYS B 223 25.06 -2.09 -14.80
CA CYS B 223 25.75 -3.28 -15.22
C CYS B 223 25.82 -4.28 -14.07
N TYR B 224 25.76 -5.56 -14.42
CA TYR B 224 25.82 -6.65 -13.45
C TYR B 224 26.62 -7.79 -14.05
N ARG B 225 27.46 -8.41 -13.22
CA ARG B 225 28.42 -9.39 -13.71
C ARG B 225 27.77 -10.68 -14.17
N ASN B 226 26.56 -10.99 -13.71
CA ASN B 226 25.88 -12.22 -14.10
C ASN B 226 24.67 -11.88 -14.99
N ASN B 227 23.76 -12.84 -15.15
CA ASN B 227 22.77 -12.78 -16.21
C ASN B 227 21.49 -12.07 -15.82
N LEU B 228 21.18 -11.97 -14.52
CA LEU B 228 19.89 -11.43 -14.08
C LEU B 228 20.06 -10.71 -12.76
N ILE B 229 19.61 -9.45 -12.72
CA ILE B 229 19.81 -8.59 -11.55
C ILE B 229 18.95 -9.07 -10.38
N LEU B 230 19.22 -8.51 -9.20
CA LEU B 230 18.42 -8.76 -7.99
C LEU B 230 18.42 -10.25 -7.63
N ARG B 231 19.61 -10.84 -7.64
CA ARG B 231 19.78 -12.19 -7.12
C ARG B 231 19.24 -12.26 -5.69
N GLY B 232 18.57 -13.36 -5.38
CA GLY B 232 17.96 -13.56 -4.08
C GLY B 232 16.49 -13.21 -4.02
N PHE B 233 15.98 -12.47 -4.99
CA PHE B 233 14.56 -12.15 -5.07
C PHE B 233 13.85 -13.15 -5.98
N ASP B 234 12.52 -13.11 -5.95
CA ASP B 234 11.72 -13.97 -6.82
C ASP B 234 12.10 -13.75 -8.27
N GLU B 235 12.27 -14.85 -9.01
CA GLU B 235 12.80 -14.75 -10.37
C GLU B 235 11.80 -14.10 -11.32
N THR B 236 10.50 -14.35 -11.14
CA THR B 236 9.51 -13.65 -11.94
C THR B 236 9.65 -12.13 -11.77
N ILE B 237 9.87 -11.69 -10.53
CA ILE B 237 10.02 -10.26 -10.27
C ILE B 237 11.35 -9.76 -10.82
N ARG B 238 12.40 -10.57 -10.74
CA ARG B 238 13.70 -10.16 -11.29
C ARG B 238 13.58 -9.86 -12.78
N GLU B 239 12.89 -10.74 -13.52
CA GLU B 239 12.75 -10.52 -14.96
C GLU B 239 11.83 -9.34 -15.26
N GLU B 240 10.76 -9.19 -14.49
CA GLU B 240 9.80 -8.12 -14.77
C GLU B 240 10.35 -6.76 -14.40
N VAL B 241 11.10 -6.67 -13.30
CA VAL B 241 11.75 -5.42 -12.94
C VAL B 241 12.71 -4.98 -14.03
N THR B 242 13.51 -5.93 -14.55
CA THR B 242 14.42 -5.61 -15.64
C THR B 242 13.67 -4.96 -16.81
N LYS B 243 12.53 -5.54 -17.18
CA LYS B 243 11.76 -5.00 -18.29
C LYS B 243 11.23 -3.60 -17.98
N GLN B 244 10.73 -3.39 -16.77
CA GLN B 244 10.13 -2.10 -16.45
C GLN B 244 11.17 -1.02 -16.22
N LEU B 245 12.38 -1.39 -15.81
CA LEU B 245 13.49 -0.43 -15.78
C LEU B 245 13.89 -0.04 -17.20
N THR B 246 14.03 -1.03 -18.08
CA THR B 246 14.30 -0.73 -19.48
C THR B 246 13.21 0.15 -20.08
N ALA B 247 11.94 -0.14 -19.76
CA ALA B 247 10.85 0.63 -20.32
C ALA B 247 10.95 2.10 -19.94
N ASN B 248 11.54 2.42 -18.79
CA ASN B 248 11.69 3.80 -18.36
C ASN B 248 13.03 4.40 -18.76
N GLY B 249 13.77 3.75 -19.66
CA GLY B 249 14.95 4.35 -20.24
C GLY B 249 16.27 3.97 -19.60
N ILE B 250 16.29 3.03 -18.67
CA ILE B 250 17.52 2.59 -18.03
C ILE B 250 18.11 1.44 -18.85
N GLU B 251 19.39 1.54 -19.16
CA GLU B 251 20.11 0.51 -19.89
C GLU B 251 20.69 -0.49 -18.90
N ILE B 252 20.32 -1.75 -19.04
CA ILE B 252 20.75 -2.81 -18.13
C ILE B 252 21.76 -3.68 -18.86
N MET B 253 23.01 -3.67 -18.38
CA MET B 253 24.12 -4.40 -18.99
C MET B 253 24.41 -5.64 -18.16
N THR B 254 23.86 -6.78 -18.58
CA THR B 254 24.11 -8.04 -17.90
C THR B 254 25.36 -8.70 -18.46
N ASN B 255 25.98 -9.54 -17.63
CA ASN B 255 27.20 -10.25 -17.99
C ASN B 255 28.34 -9.30 -18.35
N GLU B 256 28.39 -8.16 -17.67
CA GLU B 256 29.45 -7.18 -17.86
C GLU B 256 29.97 -6.74 -16.50
N ASN B 257 31.28 -6.47 -16.42
CA ASN B 257 31.90 -6.09 -15.17
C ASN B 257 33.07 -5.15 -15.47
N PRO B 258 33.17 -4.01 -14.79
CA PRO B 258 34.29 -3.10 -15.07
C PRO B 258 35.63 -3.70 -14.72
N ALA B 259 36.62 -3.45 -15.58
CA ALA B 259 37.99 -3.89 -15.36
C ALA B 259 38.94 -2.75 -15.03
N LYS B 260 38.66 -1.53 -15.47
N LYS B 260 38.65 -1.53 -15.46
CA LYS B 260 39.50 -0.39 -15.13
CA LYS B 260 39.51 -0.39 -15.24
C LYS B 260 38.73 0.89 -15.40
C LYS B 260 38.69 0.88 -15.38
N VAL B 261 39.14 1.95 -14.71
CA VAL B 261 38.53 3.27 -14.84
C VAL B 261 39.65 4.29 -14.90
N SER B 262 39.54 5.23 -15.85
CA SER B 262 40.50 6.31 -15.96
C SER B 262 39.75 7.61 -16.19
N LEU B 263 40.45 8.72 -15.99
CA LEU B 263 39.86 10.05 -16.14
C LEU B 263 40.09 10.56 -17.56
N ASN B 264 39.02 11.08 -18.17
CA ASN B 264 39.15 11.78 -19.43
C ASN B 264 39.61 13.22 -19.17
N THR B 265 39.97 13.91 -20.24
CA THR B 265 40.50 15.27 -20.10
C THR B 265 39.46 16.24 -19.55
N ASP B 266 38.17 15.89 -19.61
CA ASP B 266 37.12 16.76 -19.09
C ASP B 266 36.69 16.38 -17.68
N GLY B 267 37.35 15.41 -17.06
CA GLY B 267 36.99 14.96 -15.74
C GLY B 267 36.03 13.79 -15.71
N SER B 268 35.37 13.48 -16.82
CA SER B 268 34.53 12.29 -16.89
C SER B 268 35.40 11.04 -16.77
N LYS B 269 34.74 9.89 -16.70
CA LYS B 269 35.40 8.62 -16.44
C LYS B 269 35.29 7.71 -17.65
N HIS B 270 36.41 7.10 -18.03
CA HIS B 270 36.47 6.14 -19.12
C HIS B 270 36.50 4.74 -18.52
N VAL B 271 35.42 3.99 -18.68
CA VAL B 271 35.28 2.66 -18.09
C VAL B 271 35.58 1.62 -19.16
N THR B 272 36.50 0.71 -18.86
CA THR B 272 36.77 -0.45 -19.70
C THR B 272 36.28 -1.69 -18.98
N PHE B 273 35.45 -2.48 -19.67
CA PHE B 273 34.90 -3.69 -19.11
C PHE B 273 35.81 -4.88 -19.41
N GLU B 274 35.60 -5.96 -18.64
CA GLU B 274 36.36 -7.18 -18.87
C GLU B 274 36.18 -7.69 -20.30
N SER B 275 35.00 -7.46 -20.88
CA SER B 275 34.74 -7.91 -22.25
C SER B 275 35.44 -7.06 -23.30
N GLY B 276 36.08 -5.96 -22.91
CA GLY B 276 36.68 -5.04 -23.84
C GLY B 276 35.80 -3.86 -24.20
N LYS B 277 34.50 -3.93 -23.92
CA LYS B 277 33.62 -2.80 -24.15
C LYS B 277 34.07 -1.60 -23.32
N THR B 278 33.78 -0.41 -23.82
CA THR B 278 34.13 0.83 -23.14
C THR B 278 32.89 1.71 -23.01
N LEU B 279 32.92 2.59 -22.02
CA LEU B 279 31.80 3.48 -21.76
C LEU B 279 32.32 4.71 -21.03
N ASP B 280 31.92 5.89 -21.49
CA ASP B 280 32.27 7.14 -20.84
C ASP B 280 31.06 7.64 -20.06
N VAL B 281 31.26 7.92 -18.77
CA VAL B 281 30.20 8.43 -17.90
C VAL B 281 30.79 9.50 -17.00
N ASP B 282 29.89 10.27 -16.39
CA ASP B 282 30.29 11.29 -15.44
C ASP B 282 30.43 10.76 -14.03
N VAL B 283 29.74 9.67 -13.71
CA VAL B 283 29.80 9.04 -12.39
C VAL B 283 29.77 7.53 -12.56
N VAL B 284 30.64 6.84 -11.82
CA VAL B 284 30.61 5.40 -11.69
C VAL B 284 30.33 5.12 -10.22
N MET B 285 29.17 4.54 -9.93
CA MET B 285 28.78 4.21 -8.56
C MET B 285 28.89 2.71 -8.35
N MET B 286 29.79 2.31 -7.45
CA MET B 286 29.95 0.90 -7.09
C MET B 286 28.91 0.54 -6.04
N ALA B 287 28.06 -0.43 -6.36
CA ALA B 287 27.06 -0.94 -5.43
C ALA B 287 27.03 -2.47 -5.55
N ILE B 288 28.20 -3.08 -5.33
CA ILE B 288 28.34 -4.53 -5.48
C ILE B 288 28.15 -5.29 -4.18
N GLY B 289 28.00 -4.59 -3.06
CA GLY B 289 27.74 -5.26 -1.80
C GLY B 289 28.12 -4.38 -0.63
N ARG B 290 27.75 -4.86 0.56
CA ARG B 290 28.08 -4.22 1.82
C ARG B 290 28.78 -5.24 2.70
N ILE B 291 29.84 -4.81 3.40
CA ILE B 291 30.63 -5.73 4.21
C ILE B 291 30.63 -5.25 5.66
N PRO B 292 30.68 -6.16 6.65
CA PRO B 292 30.70 -5.72 8.05
C PRO B 292 31.87 -4.80 8.33
N ARG B 293 31.62 -3.79 9.17
CA ARG B 293 32.60 -2.74 9.46
C ARG B 293 33.35 -3.13 10.74
N THR B 294 34.37 -3.98 10.57
CA THR B 294 35.10 -4.55 11.68
C THR B 294 36.56 -4.09 11.78
N ASN B 295 37.11 -3.52 10.72
CA ASN B 295 38.56 -3.30 10.67
C ASN B 295 39.02 -2.34 11.77
N ASP B 296 38.24 -1.30 12.06
CA ASP B 296 38.68 -0.26 12.98
C ASP B 296 38.52 -0.64 14.45
N LEU B 297 37.86 -1.77 14.76
CA LEU B 297 37.55 -2.11 16.13
C LEU B 297 38.70 -2.79 16.87
N GLN B 298 39.75 -3.21 16.17
CA GLN B 298 40.88 -3.91 16.80
C GLN B 298 40.39 -5.14 17.56
N LEU B 299 39.54 -5.93 16.89
CA LEU B 299 38.95 -7.11 17.54
C LEU B 299 40.01 -8.12 17.94
N GLY B 300 41.19 -8.10 17.31
CA GLY B 300 42.25 -9.01 17.69
C GLY B 300 42.80 -8.77 19.07
N ASN B 301 42.55 -7.57 19.64
CA ASN B 301 43.05 -7.28 20.98
C ASN B 301 42.41 -8.17 22.03
N VAL B 302 41.17 -8.61 21.81
CA VAL B 302 40.45 -9.43 22.78
C VAL B 302 40.01 -10.77 22.22
N GLY B 303 40.18 -11.01 20.92
CA GLY B 303 39.91 -12.33 20.36
C GLY B 303 38.48 -12.57 19.95
N VAL B 304 37.74 -11.55 19.53
CA VAL B 304 36.39 -11.75 19.01
C VAL B 304 36.50 -12.46 17.67
N LYS B 305 35.83 -13.61 17.56
CA LYS B 305 35.93 -14.42 16.35
C LYS B 305 35.00 -13.90 15.26
N LEU B 306 35.46 -13.99 14.02
CA LEU B 306 34.69 -13.60 12.86
C LEU B 306 34.23 -14.83 12.09
N THR B 307 33.13 -14.65 11.36
CA THR B 307 32.68 -15.70 10.45
C THR B 307 33.57 -15.72 9.21
N PRO B 308 33.58 -16.82 8.47
CA PRO B 308 34.40 -16.87 7.25
C PRO B 308 34.09 -15.76 6.26
N LYS B 309 32.89 -15.18 6.32
CA LYS B 309 32.51 -14.10 5.42
C LYS B 309 32.79 -12.71 5.98
N GLY B 310 33.40 -12.61 7.17
CA GLY B 310 33.84 -11.35 7.72
C GLY B 310 32.96 -10.80 8.83
N GLY B 311 31.80 -11.39 9.07
CA GLY B 311 30.93 -10.89 10.11
C GLY B 311 31.37 -11.32 11.50
N VAL B 312 30.95 -10.54 12.50
CA VAL B 312 31.18 -10.91 13.89
C VAL B 312 30.29 -12.10 14.21
N GLN B 313 30.89 -13.21 14.59
CA GLN B 313 30.12 -14.41 14.89
C GLN B 313 29.36 -14.24 16.21
N VAL B 314 28.06 -14.51 16.18
CA VAL B 314 27.21 -14.42 17.35
C VAL B 314 26.30 -15.65 17.39
N ASP B 315 25.82 -15.95 18.59
CA ASP B 315 24.81 -16.99 18.77
C ASP B 315 23.43 -16.38 18.59
N GLU B 316 22.40 -17.12 18.99
CA GLU B 316 21.03 -16.67 18.78
C GLU B 316 20.70 -15.45 19.64
N PHE B 317 21.47 -15.20 20.70
CA PHE B 317 21.25 -14.07 21.59
C PHE B 317 22.28 -12.96 21.39
N SER B 318 22.94 -12.94 20.23
CA SER B 318 23.86 -11.86 19.85
C SER B 318 25.14 -11.86 20.67
N ARG B 319 25.50 -12.98 21.28
CA ARG B 319 26.71 -13.07 22.10
C ARG B 319 27.88 -13.53 21.26
N THR B 320 29.01 -12.84 21.39
CA THR B 320 30.25 -13.24 20.74
C THR B 320 30.88 -14.37 21.54
N ASN B 321 32.09 -14.79 21.16
CA ASN B 321 32.81 -15.79 21.93
C ASN B 321 33.44 -15.22 23.19
N VAL B 322 33.59 -13.90 23.27
CA VAL B 322 34.12 -13.24 24.47
C VAL B 322 32.95 -12.92 25.39
N PRO B 323 32.98 -13.36 26.65
CA PRO B 323 31.87 -13.04 27.56
C PRO B 323 31.67 -11.53 27.70
N ASN B 324 30.40 -11.13 27.79
CA ASN B 324 30.00 -9.75 28.00
C ASN B 324 30.34 -8.83 26.82
N ILE B 325 30.64 -9.40 25.66
CA ILE B 325 30.76 -8.65 24.41
C ILE B 325 29.71 -9.18 23.44
N TYR B 326 28.94 -8.28 22.84
CA TYR B 326 27.83 -8.65 21.98
C TYR B 326 27.94 -7.87 20.67
N ALA B 327 27.15 -8.30 19.69
CA ALA B 327 27.14 -7.68 18.37
C ALA B 327 25.77 -7.85 17.75
N ILE B 328 25.27 -6.76 17.15
CA ILE B 328 23.97 -6.74 16.49
C ILE B 328 24.08 -5.95 15.21
N GLY B 329 23.07 -6.08 14.35
CA GLY B 329 22.98 -5.29 13.15
C GLY B 329 23.83 -5.83 12.02
N ASP B 330 24.14 -4.92 11.08
CA ASP B 330 24.86 -5.31 9.87
C ASP B 330 26.23 -5.92 10.17
N ILE B 331 26.83 -5.61 11.32
CA ILE B 331 28.15 -6.15 11.62
C ILE B 331 28.10 -7.67 11.76
N THR B 332 26.91 -8.24 11.99
CA THR B 332 26.77 -9.69 12.09
C THR B 332 26.54 -10.34 10.72
N ASP B 333 26.28 -9.56 9.69
CA ASP B 333 26.21 -10.07 8.31
C ASP B 333 25.07 -11.07 8.13
N ARG B 334 23.95 -10.87 8.84
CA ARG B 334 22.75 -11.67 8.64
C ARG B 334 21.82 -10.95 7.67
N LEU B 335 20.71 -10.40 8.19
CA LEU B 335 19.81 -9.57 7.39
C LEU B 335 20.17 -8.11 7.67
N MET B 336 20.64 -7.41 6.63
CA MET B 336 21.06 -6.02 6.77
C MET B 336 19.84 -5.13 6.57
N LEU B 337 18.98 -5.11 7.59
CA LEU B 337 17.79 -4.29 7.61
C LEU B 337 17.72 -3.53 8.92
N THR B 338 17.25 -2.28 8.86
CA THR B 338 17.15 -1.47 10.07
C THR B 338 16.21 -2.08 11.10
N PRO B 339 14.99 -2.49 10.76
CA PRO B 339 14.11 -3.06 11.79
C PRO B 339 14.67 -4.31 12.45
N VAL B 340 15.46 -5.11 11.72
CA VAL B 340 16.09 -6.28 12.33
C VAL B 340 17.13 -5.85 13.35
N ALA B 341 17.97 -4.86 13.00
CA ALA B 341 18.95 -4.36 13.95
C ALA B 341 18.27 -3.80 15.19
N ILE B 342 17.19 -3.04 15.01
CA ILE B 342 16.42 -2.55 16.15
C ILE B 342 15.93 -3.72 17.00
N ASN B 343 15.36 -4.74 16.35
CA ASN B 343 14.82 -5.87 17.08
C ASN B 343 15.91 -6.61 17.85
N GLU B 344 17.06 -6.83 17.20
CA GLU B 344 18.17 -7.50 17.88
C GLU B 344 18.66 -6.67 19.07
N GLY B 345 18.69 -5.35 18.92
CA GLY B 345 19.15 -4.51 20.03
C GLY B 345 18.23 -4.59 21.23
N ALA B 346 16.92 -4.51 21.00
CA ALA B 346 15.97 -4.58 22.10
C ALA B 346 15.98 -5.95 22.76
N ALA B 347 16.04 -7.03 21.97
CA ALA B 347 16.09 -8.36 22.54
C ALA B 347 17.34 -8.54 23.41
N LEU B 348 18.49 -8.05 22.93
CA LEU B 348 19.72 -8.16 23.70
C LEU B 348 19.57 -7.50 25.06
N VAL B 349 19.09 -6.26 25.08
CA VAL B 349 18.95 -5.54 26.35
C VAL B 349 17.98 -6.25 27.27
N ASP B 350 16.85 -6.73 26.73
CA ASP B 350 15.91 -7.49 27.55
C ASP B 350 16.58 -8.72 28.15
N THR B 351 17.39 -9.43 27.37
CA THR B 351 18.06 -10.63 27.86
C THR B 351 19.09 -10.28 28.93
N VAL B 352 19.86 -9.21 28.71
CA VAL B 352 20.99 -8.92 29.59
C VAL B 352 20.54 -8.19 30.84
N PHE B 353 19.62 -7.23 30.70
CA PHE B 353 19.27 -6.32 31.79
C PHE B 353 17.85 -6.51 32.31
N GLY B 354 17.17 -7.58 31.93
CA GLY B 354 15.79 -7.76 32.35
C GLY B 354 15.39 -9.20 32.63
N ASN B 355 16.38 -10.09 32.70
CA ASN B 355 16.16 -11.53 32.87
C ASN B 355 14.89 -12.03 32.18
N LYS B 356 14.59 -11.48 31.00
CA LYS B 356 13.52 -11.96 30.13
C LYS B 356 14.18 -12.34 28.81
N PRO B 357 14.76 -13.55 28.72
CA PRO B 357 15.51 -13.93 27.51
C PRO B 357 14.68 -13.79 26.23
N ARG B 358 15.18 -12.98 25.31
CA ARG B 358 14.51 -12.75 24.04
C ARG B 358 15.53 -12.86 22.91
N LYS B 359 15.13 -13.50 21.82
CA LYS B 359 15.96 -13.64 20.64
C LYS B 359 15.18 -13.22 19.40
N THR B 360 15.90 -12.65 18.44
CA THR B 360 15.27 -12.16 17.23
C THR B 360 14.97 -13.31 16.28
N ASP B 361 13.74 -13.35 15.78
CA ASP B 361 13.34 -14.32 14.76
C ASP B 361 13.69 -13.73 13.40
N HIS B 362 14.65 -14.36 12.70
CA HIS B 362 15.12 -13.85 11.42
C HIS B 362 14.42 -14.48 10.23
N THR B 363 13.42 -15.31 10.46
CA THR B 363 12.63 -15.89 9.37
C THR B 363 11.37 -15.05 9.13
N ARG B 364 10.85 -15.14 7.91
CA ARG B 364 9.58 -14.51 7.56
C ARG B 364 9.60 -13.00 7.81
N VAL B 365 10.75 -12.39 7.61
CA VAL B 365 10.89 -10.94 7.77
C VAL B 365 10.52 -10.26 6.47
N ALA B 366 9.60 -9.31 6.53
CA ALA B 366 9.19 -8.57 5.36
C ALA B 366 10.18 -7.46 5.06
N SER B 367 10.43 -7.22 3.77
CA SER B 367 11.33 -6.17 3.34
C SER B 367 10.80 -5.59 2.03
N ALA B 368 11.43 -4.51 1.58
CA ALA B 368 11.00 -3.81 0.39
C ALA B 368 12.20 -3.27 -0.36
N VAL B 369 12.02 -3.08 -1.66
CA VAL B 369 12.97 -2.39 -2.51
C VAL B 369 12.21 -1.23 -3.15
N PHE B 370 12.68 0.00 -2.90
CA PHE B 370 12.01 1.17 -3.43
C PHE B 370 12.55 1.54 -4.80
N SER B 371 12.60 0.53 -5.67
CA SER B 371 12.77 0.75 -7.09
C SER B 371 11.49 1.33 -7.68
N ILE B 372 11.55 1.69 -8.95
CA ILE B 372 10.39 2.19 -9.67
C ILE B 372 10.14 1.25 -10.84
N PRO B 373 9.19 0.31 -10.69
CA PRO B 373 8.26 0.12 -9.57
C PRO B 373 8.89 -0.59 -8.37
N PRO B 374 8.25 -0.52 -7.22
CA PRO B 374 8.84 -1.07 -5.99
C PRO B 374 8.54 -2.56 -5.82
N ILE B 375 9.27 -3.17 -4.89
CA ILE B 375 9.15 -4.59 -4.57
C ILE B 375 8.78 -4.72 -3.11
N GLY B 376 7.93 -5.70 -2.81
CA GLY B 376 7.65 -6.10 -1.45
C GLY B 376 7.75 -7.60 -1.33
N THR B 377 8.45 -8.10 -0.31
CA THR B 377 8.70 -9.52 -0.21
C THR B 377 8.73 -9.95 1.24
N CYS B 378 8.33 -11.20 1.48
CA CYS B 378 8.39 -11.78 2.81
C CYS B 378 8.44 -13.29 2.67
N GLY B 379 9.44 -13.91 3.29
CA GLY B 379 9.54 -15.36 3.28
C GLY B 379 10.42 -15.89 2.15
N LEU B 380 10.22 -17.16 1.87
CA LEU B 380 11.09 -17.88 0.95
C LEU B 380 10.68 -17.68 -0.50
N ILE B 381 11.68 -17.64 -1.39
CA ILE B 381 11.41 -17.78 -2.81
C ILE B 381 11.27 -19.25 -3.14
N GLU B 382 10.65 -19.54 -4.28
CA GLU B 382 10.20 -20.90 -4.57
C GLU B 382 11.38 -21.86 -4.70
N GLU B 383 12.50 -21.40 -5.27
CA GLU B 383 13.63 -22.30 -5.46
C GLU B 383 14.29 -22.69 -4.14
N VAL B 384 14.20 -21.83 -3.13
CA VAL B 384 14.66 -22.20 -1.79
C VAL B 384 13.66 -23.14 -1.13
N ALA B 385 12.37 -22.81 -1.22
CA ALA B 385 11.35 -23.68 -0.65
C ALA B 385 11.41 -25.07 -1.26
N ALA B 386 11.73 -25.17 -2.56
CA ALA B 386 11.75 -26.46 -3.23
C ALA B 386 12.81 -27.38 -2.63
N LYS B 387 13.94 -26.82 -2.22
CA LYS B 387 14.98 -27.60 -1.56
C LYS B 387 14.58 -28.00 -0.14
N GLU B 388 13.68 -27.25 0.48
CA GLU B 388 13.35 -27.43 1.89
C GLU B 388 12.06 -28.20 2.12
N PHE B 389 11.22 -28.34 1.10
CA PHE B 389 9.94 -29.02 1.23
C PHE B 389 9.74 -29.94 0.05
N GLU B 390 9.05 -31.06 0.31
CA GLU B 390 8.87 -32.07 -0.74
C GLU B 390 7.86 -31.62 -1.77
N LYS B 391 6.77 -30.98 -1.35
CA LYS B 391 5.71 -30.52 -2.24
C LYS B 391 5.52 -29.02 -2.04
N VAL B 392 5.82 -28.24 -3.08
CA VAL B 392 5.71 -26.79 -3.05
C VAL B 392 4.76 -26.37 -4.17
N ALA B 393 3.83 -25.49 -3.86
CA ALA B 393 2.91 -24.92 -4.83
C ALA B 393 3.18 -23.43 -4.99
N VAL B 394 3.09 -22.95 -6.22
CA VAL B 394 3.32 -21.54 -6.54
C VAL B 394 2.05 -20.98 -7.13
N TYR B 395 1.52 -19.94 -6.49
CA TYR B 395 0.39 -19.18 -7.01
C TYR B 395 0.90 -17.87 -7.59
N MET B 396 0.55 -17.59 -8.84
CA MET B 396 1.10 -16.45 -9.57
C MET B 396 -0.01 -15.70 -10.27
N SER B 397 0.08 -14.37 -10.25
CA SER B 397 -0.89 -13.53 -10.93
C SER B 397 -0.19 -12.25 -11.38
N SER B 398 -0.41 -11.89 -12.64
CA SER B 398 0.11 -10.65 -13.19
C SER B 398 -1.04 -9.89 -13.84
N PHE B 399 -1.04 -8.56 -13.73
CA PHE B 399 -2.14 -7.78 -14.26
C PHE B 399 -1.71 -6.32 -14.36
N THR B 400 -2.45 -5.57 -15.16
CA THR B 400 -2.23 -4.13 -15.31
C THR B 400 -3.18 -3.40 -14.38
N PRO B 401 -2.69 -2.62 -13.41
CA PRO B 401 -3.61 -1.83 -12.58
C PRO B 401 -4.49 -0.94 -13.45
N LEU B 402 -5.69 -0.66 -12.93
CA LEU B 402 -6.69 0.08 -13.70
C LEU B 402 -6.10 1.36 -14.28
N MET B 403 -5.41 2.15 -13.45
CA MET B 403 -4.97 3.47 -13.90
C MET B 403 -4.01 3.38 -15.07
N HIS B 404 -3.23 2.31 -15.16
CA HIS B 404 -2.22 2.21 -16.22
C HIS B 404 -2.81 1.75 -17.54
N ASN B 405 -4.13 1.59 -17.63
CA ASN B 405 -4.78 1.44 -18.92
C ASN B 405 -4.94 2.78 -19.65
N ILE B 406 -4.81 3.90 -18.95
CA ILE B 406 -4.99 5.21 -19.56
C ILE B 406 -3.85 6.15 -19.19
N SER B 407 -2.99 5.74 -18.26
CA SER B 407 -1.90 6.61 -17.83
C SER B 407 -0.81 6.76 -18.89
N GLY B 408 -0.71 5.81 -19.82
CA GLY B 408 0.39 5.79 -20.75
C GLY B 408 1.56 4.93 -20.32
N SER B 409 1.46 4.25 -19.17
CA SER B 409 2.51 3.34 -18.72
C SER B 409 1.97 1.92 -18.68
N LYS B 410 1.59 1.39 -19.85
CA LYS B 410 1.06 0.04 -19.93
C LYS B 410 2.05 -0.99 -19.41
N TYR B 411 3.35 -0.69 -19.49
CA TYR B 411 4.37 -1.66 -19.10
C TYR B 411 4.38 -1.95 -17.61
N LYS B 412 3.66 -1.17 -16.79
CA LYS B 412 3.73 -1.30 -15.33
C LYS B 412 2.79 -2.42 -14.87
N LYS B 413 3.21 -3.65 -15.08
CA LYS B 413 2.46 -4.80 -14.62
C LYS B 413 2.68 -5.01 -13.12
N PHE B 414 1.60 -5.35 -12.42
CA PHE B 414 1.68 -5.76 -11.02
C PHE B 414 1.79 -7.27 -10.96
N VAL B 415 2.73 -7.77 -10.15
CA VAL B 415 2.99 -9.20 -10.03
C VAL B 415 2.76 -9.60 -8.58
N ALA B 416 1.99 -10.66 -8.38
CA ALA B 416 1.74 -11.22 -7.05
C ALA B 416 2.06 -12.71 -7.08
N LYS B 417 2.91 -13.14 -6.16
CA LYS B 417 3.33 -14.52 -6.05
C LYS B 417 3.17 -15.01 -4.62
N ILE B 418 2.64 -16.22 -4.46
CA ILE B 418 2.52 -16.88 -3.17
C ILE B 418 3.13 -18.27 -3.28
N VAL B 419 4.05 -18.57 -2.37
CA VAL B 419 4.70 -19.88 -2.29
C VAL B 419 4.21 -20.55 -1.02
N THR B 420 3.73 -21.79 -1.15
CA THR B 420 3.17 -22.52 -0.02
C THR B 420 3.81 -23.90 0.09
N ASN B 421 3.74 -24.46 1.28
CA ASN B 421 3.93 -25.88 1.49
C ASN B 421 2.63 -26.57 1.12
N HIS B 422 2.61 -27.25 -0.03
CA HIS B 422 1.35 -27.81 -0.52
C HIS B 422 0.84 -28.97 0.31
N SER B 423 1.67 -29.55 1.19
CA SER B 423 1.20 -30.61 2.06
C SER B 423 0.06 -30.12 2.96
N ASP B 424 0.17 -28.90 3.47
CA ASP B 424 -0.84 -28.34 4.36
C ASP B 424 -1.26 -26.93 3.98
N GLY B 425 -0.77 -26.38 2.87
CA GLY B 425 -1.17 -25.06 2.43
C GLY B 425 -0.54 -23.90 3.16
N THR B 426 0.42 -24.15 4.04
CA THR B 426 1.08 -23.08 4.77
C THR B 426 1.83 -22.17 3.80
N VAL B 427 1.60 -20.86 3.92
CA VAL B 427 2.28 -19.89 3.07
C VAL B 427 3.72 -19.77 3.52
N LEU B 428 4.65 -20.02 2.60
CA LEU B 428 6.07 -19.93 2.88
C LEU B 428 6.69 -18.62 2.43
N GLY B 429 6.10 -17.97 1.44
CA GLY B 429 6.63 -16.71 0.95
C GLY B 429 5.60 -15.97 0.13
N VAL B 430 5.71 -14.64 0.14
CA VAL B 430 4.87 -13.77 -0.68
C VAL B 430 5.79 -12.74 -1.33
N HIS B 431 5.61 -12.54 -2.63
CA HIS B 431 6.50 -11.67 -3.41
C HIS B 431 5.66 -10.79 -4.32
N LEU B 432 5.86 -9.48 -4.22
CA LEU B 432 5.02 -8.50 -4.90
C LEU B 432 5.89 -7.52 -5.68
N LEU B 433 5.41 -7.14 -6.88
CA LEU B 433 6.04 -6.11 -7.69
C LEU B 433 4.96 -5.15 -8.16
N GLY B 434 5.16 -3.86 -7.89
CA GLY B 434 4.25 -2.83 -8.34
C GLY B 434 3.97 -1.83 -7.24
N ASP B 435 3.43 -0.69 -7.62
CA ASP B 435 3.12 0.38 -6.67
C ASP B 435 2.29 -0.15 -5.52
N GLY B 436 2.68 0.23 -4.31
CA GLY B 436 2.01 -0.23 -3.10
C GLY B 436 2.60 -1.46 -2.47
N ALA B 437 3.45 -2.20 -3.19
CA ALA B 437 3.99 -3.45 -2.66
C ALA B 437 4.67 -3.27 -1.30
N PRO B 438 5.49 -2.25 -1.05
CA PRO B 438 6.07 -2.11 0.30
C PRO B 438 5.03 -1.96 1.39
N GLU B 439 3.93 -1.25 1.11
CA GLU B 439 2.89 -1.07 2.12
C GLU B 439 2.05 -2.33 2.29
N ILE B 440 1.83 -3.08 1.20
CA ILE B 440 1.02 -4.29 1.28
C ILE B 440 1.71 -5.36 2.12
N ILE B 441 3.04 -5.48 1.96
CA ILE B 441 3.74 -6.64 2.49
C ILE B 441 3.88 -6.59 4.01
N GLN B 442 3.75 -5.41 4.62
CA GLN B 442 3.92 -5.30 6.07
C GLN B 442 2.94 -6.19 6.81
N ALA B 443 1.65 -6.06 6.52
CA ALA B 443 0.66 -6.88 7.19
C ALA B 443 0.73 -8.34 6.76
N VAL B 444 1.27 -8.61 5.56
CA VAL B 444 1.56 -9.99 5.18
C VAL B 444 2.56 -10.60 6.14
N GLY B 445 3.50 -9.79 6.64
CA GLY B 445 4.43 -10.29 7.64
C GLY B 445 3.73 -10.79 8.89
N VAL B 446 2.68 -10.09 9.31
CA VAL B 446 1.88 -10.54 10.44
C VAL B 446 1.19 -11.86 10.10
N CYS B 447 0.71 -11.98 8.85
CA CYS B 447 0.03 -13.21 8.44
C CYS B 447 0.97 -14.41 8.52
N LEU B 448 2.22 -14.26 8.07
CA LEU B 448 3.15 -15.38 8.10
C LEU B 448 3.54 -15.73 9.53
N ARG B 449 3.59 -14.74 10.43
CA ARG B 449 3.81 -15.04 11.84
C ARG B 449 2.74 -15.95 12.38
N LEU B 450 1.49 -15.73 11.95
CA LEU B 450 0.36 -16.55 12.36
C LEU B 450 0.24 -17.85 11.57
N ASN B 451 1.26 -18.19 10.78
CA ASN B 451 1.25 -19.43 10.00
C ASN B 451 0.02 -19.50 9.10
N ALA B 452 -0.30 -18.38 8.45
CA ALA B 452 -1.44 -18.34 7.56
C ALA B 452 -1.27 -19.33 6.42
N LYS B 453 -2.37 -19.96 6.03
CA LYS B 453 -2.43 -20.84 4.89
C LYS B 453 -3.02 -20.10 3.69
N ILE B 454 -2.79 -20.64 2.50
CA ILE B 454 -3.32 -20.02 1.29
C ILE B 454 -4.83 -19.85 1.40
N SER B 455 -5.52 -20.78 2.07
CA SER B 455 -6.96 -20.67 2.21
C SER B 455 -7.34 -19.47 3.07
N ASP B 456 -6.50 -19.12 4.04
CA ASP B 456 -6.77 -17.91 4.83
C ASP B 456 -6.72 -16.66 3.98
N PHE B 457 -5.98 -16.70 2.87
CA PHE B 457 -5.91 -15.54 1.98
C PHE B 457 -7.12 -15.48 1.05
N TYR B 458 -7.40 -16.57 0.33
CA TYR B 458 -8.46 -16.51 -0.67
C TYR B 458 -9.86 -16.62 -0.07
N ASN B 459 -9.99 -16.96 1.20
CA ASN B 459 -11.27 -16.90 1.89
C ASN B 459 -11.49 -15.57 2.61
N THR B 460 -10.52 -14.66 2.54
CA THR B 460 -10.71 -13.29 3.03
C THR B 460 -11.32 -12.45 1.92
N ILE B 461 -12.32 -11.65 2.29
CA ILE B 461 -13.00 -10.83 1.30
C ILE B 461 -12.10 -9.68 0.88
N GLY B 462 -12.04 -9.41 -0.43
CA GLY B 462 -11.13 -8.42 -0.93
C GLY B 462 -11.60 -6.99 -0.69
N VAL B 463 -10.64 -6.07 -0.80
CA VAL B 463 -10.91 -4.65 -0.83
C VAL B 463 -10.78 -4.21 -2.28
N HIS B 464 -11.85 -3.65 -2.83
CA HIS B 464 -11.91 -3.35 -4.25
C HIS B 464 -12.12 -1.86 -4.48
N PRO B 465 -11.44 -1.27 -5.48
CA PRO B 465 -10.35 -1.80 -6.29
C PRO B 465 -8.99 -1.50 -5.68
N THR B 466 -8.20 -2.54 -5.45
CA THR B 466 -6.83 -2.40 -4.97
C THR B 466 -5.98 -3.47 -5.66
N SER B 467 -4.68 -3.20 -5.74
CA SER B 467 -3.77 -4.25 -6.19
C SER B 467 -3.65 -5.35 -5.15
N ALA B 468 -3.80 -5.01 -3.86
CA ALA B 468 -3.60 -5.98 -2.80
C ALA B 468 -4.62 -7.10 -2.85
N GLU B 469 -5.85 -6.81 -3.31
CA GLU B 469 -6.88 -7.85 -3.33
C GLU B 469 -6.50 -9.02 -4.22
N GLU B 470 -5.51 -8.86 -5.10
CA GLU B 470 -5.06 -9.98 -5.91
C GLU B 470 -4.53 -11.11 -5.05
N LEU B 471 -3.94 -10.79 -3.89
CA LEU B 471 -3.45 -11.82 -2.98
C LEU B 471 -4.58 -12.69 -2.46
N CYS B 472 -5.81 -12.21 -2.47
CA CYS B 472 -6.96 -12.98 -2.00
C CYS B 472 -7.77 -13.57 -3.17
N SER B 473 -7.22 -13.54 -4.38
CA SER B 473 -7.93 -13.99 -5.57
C SER B 473 -7.26 -15.19 -6.24
N MET B 474 -6.28 -15.82 -5.58
CA MET B 474 -5.54 -16.93 -6.15
C MET B 474 -5.87 -18.18 -5.36
N ARG B 475 -6.64 -19.09 -5.98
CA ARG B 475 -7.10 -20.30 -5.32
C ARG B 475 -6.48 -21.57 -5.89
N THR B 476 -5.93 -21.52 -7.10
CA THR B 476 -5.40 -22.70 -7.76
C THR B 476 -3.92 -22.49 -8.08
N PRO B 477 -3.03 -23.41 -7.72
CA PRO B 477 -1.62 -23.24 -8.06
C PRO B 477 -1.40 -23.08 -9.55
N SER B 478 -0.40 -22.27 -9.91
CA SER B 478 0.01 -22.15 -11.30
C SER B 478 0.99 -23.24 -11.70
N TYR B 479 1.84 -23.67 -10.77
CA TYR B 479 2.72 -24.80 -10.98
C TYR B 479 3.24 -25.26 -9.62
N TYR B 480 4.02 -26.33 -9.61
CA TYR B 480 4.47 -26.96 -8.38
C TYR B 480 5.97 -27.24 -8.45
N TYR B 481 6.54 -27.52 -7.29
CA TYR B 481 7.84 -28.17 -7.16
C TYR B 481 7.65 -29.40 -6.30
N VAL B 482 7.97 -30.58 -6.84
CA VAL B 482 7.91 -31.83 -6.09
C VAL B 482 9.29 -32.45 -6.11
N LYS B 483 9.88 -32.62 -4.91
CA LYS B 483 11.26 -33.10 -4.79
C LYS B 483 12.21 -32.21 -5.59
N GLY B 484 11.92 -30.91 -5.62
CA GLY B 484 12.77 -29.95 -6.30
C GLY B 484 12.57 -29.85 -7.79
N GLU B 485 11.61 -30.59 -8.36
CA GLU B 485 11.38 -30.60 -9.79
C GLU B 485 10.16 -29.75 -10.15
N LYS B 486 10.36 -28.80 -11.05
CA LYS B 486 9.28 -27.92 -11.47
C LYS B 486 8.38 -28.62 -12.48
N MET B 487 7.07 -28.49 -12.29
CA MET B 487 6.10 -29.10 -13.19
C MET B 487 4.76 -28.40 -13.01
N GLU B 488 3.96 -28.43 -14.08
CA GLU B 488 2.69 -27.71 -14.07
C GLU B 488 1.66 -28.44 -13.21
N LYS B 489 1.51 -29.74 -13.40
CA LYS B 489 0.56 -30.55 -12.65
C LYS B 489 1.30 -31.52 -11.73
N LEU B 490 0.65 -31.88 -10.63
CA LEU B 490 1.22 -32.84 -9.70
C LEU B 490 1.21 -34.24 -10.32
N PRO B 491 2.16 -35.10 -9.95
CA PRO B 491 2.19 -36.48 -10.46
C PRO B 491 1.35 -37.43 -9.63
#